data_8BBI
#
_entry.id   8BBI
#
_cell.length_a   90.324
_cell.length_b   95.549
_cell.length_c   101.344
_cell.angle_alpha   90.000
_cell.angle_beta   90.000
_cell.angle_gamma   90.000
#
_symmetry.space_group_name_H-M   'P 21 21 21'
#
loop_
_entity.id
_entity.type
_entity.pdbx_description
1 polymer Beta-xylanase
2 non-polymer GLYCEROL
3 non-polymer '1-methylethyl 1-thio-beta-D-galactopyranoside'
4 water water
#
_entity_poly.entity_id   1
_entity_poly.type   'polypeptide(L)'
_entity_poly.pdbx_seq_one_letter_code
;MRGSHHHHHHGSACELGPQPMSSQIPSLKDVFLQDFKIGVALPVRVFSNSMDVELITKHFNSMTAENEMKPESILRRDAS
GKIYYDFTVADRYIEFAQKHGMVVRGHTLVWHSQTPEWFFKDEKGNLLSREAMIERMREYIHTVVGRYRGKVYAWDVVNE
AVDENQPDGLRRSLWYQVIGPDYIELAFKFAHEADPDALLFYNDYNEFFPKKRDIIFKLVKEMREKGVPIHGIGMQQHLT
LADNVGWIDIAIQKFKTISGIQIHITELDVSVYKSRSPSIIYQTPPSEVLHEQAEFYRKLFEIYRKHTDVITNVTFWGLK
DDYSWLRFFFGRRNDWPLLFDENYQPKPAFWSVIESVSKVDLQPSLIS
;
_entity_poly.pdbx_strand_id   A,B
#
loop_
_chem_comp.id
_chem_comp.type
_chem_comp.name
_chem_comp.formula
GOL non-polymer GLYCEROL 'C3 H8 O3'
IPT D-saccharide '1-methylethyl 1-thio-beta-D-galactopyranoside' 'C9 H18 O5 S'
#
# COMPACT_ATOMS: atom_id res chain seq x y z
N GLN A 24 25.22 -28.42 2.31
CA GLN A 24 24.80 -29.48 1.32
C GLN A 24 24.33 -28.84 0.00
N ILE A 25 23.73 -27.64 0.00
CA ILE A 25 23.38 -26.90 -1.26
C ILE A 25 24.54 -26.00 -1.67
N PRO A 26 24.70 -25.77 -2.97
CA PRO A 26 25.87 -25.03 -3.46
C PRO A 26 25.83 -23.51 -3.18
N SER A 27 27.02 -22.90 -3.14
CA SER A 27 27.24 -21.45 -2.84
CA SER A 27 27.24 -21.45 -2.85
C SER A 27 27.14 -20.63 -4.14
N LEU A 28 26.20 -19.67 -4.20
CA LEU A 28 26.06 -18.80 -5.41
C LEU A 28 27.42 -18.20 -5.80
N LYS A 29 28.15 -17.60 -4.86
CA LYS A 29 29.43 -16.92 -5.18
C LYS A 29 30.42 -17.91 -5.81
N ASP A 30 30.43 -19.17 -5.35
CA ASP A 30 31.39 -20.20 -5.83
C ASP A 30 30.95 -20.68 -7.21
N VAL A 31 29.65 -20.91 -7.42
CA VAL A 31 29.11 -21.35 -8.73
C VAL A 31 29.44 -20.32 -9.82
N PHE A 32 29.49 -19.03 -9.48
CA PHE A 32 29.73 -17.95 -10.47
C PHE A 32 31.12 -17.34 -10.29
N LEU A 33 32.05 -18.02 -9.59
CA LEU A 33 33.38 -17.45 -9.22
C LEU A 33 34.13 -16.97 -10.48
N GLN A 34 34.04 -17.71 -11.58
CA GLN A 34 34.71 -17.37 -12.86
C GLN A 34 33.96 -16.28 -13.61
N ASP A 35 32.76 -15.88 -13.18
CA ASP A 35 31.85 -15.07 -14.02
C ASP A 35 31.75 -13.65 -13.47
N PHE A 36 31.35 -13.52 -12.20
CA PHE A 36 31.11 -12.22 -11.55
C PHE A 36 30.90 -12.41 -10.06
N LYS A 37 31.12 -11.35 -9.30
CA LYS A 37 30.72 -11.27 -7.87
C LYS A 37 29.20 -11.49 -7.79
N ILE A 38 28.76 -12.09 -6.70
CA ILE A 38 27.33 -12.28 -6.39
C ILE A 38 27.09 -11.45 -5.14
N GLY A 39 26.21 -10.45 -5.23
CA GLY A 39 26.02 -9.50 -4.13
C GLY A 39 24.61 -9.49 -3.61
N VAL A 40 24.45 -8.83 -2.47
CA VAL A 40 23.13 -8.69 -1.82
C VAL A 40 23.06 -7.31 -1.18
N ALA A 41 21.89 -6.68 -1.28
CA ALA A 41 21.52 -5.43 -0.59
C ALA A 41 20.98 -5.76 0.82
N LEU A 42 21.49 -5.07 1.84
CA LEU A 42 21.27 -5.43 3.26
C LEU A 42 20.92 -4.20 4.10
N PRO A 43 19.87 -4.31 4.94
CA PRO A 43 19.68 -3.36 6.03
C PRO A 43 20.58 -3.78 7.22
N VAL A 44 20.94 -2.82 8.07
CA VAL A 44 22.08 -3.01 9.03
C VAL A 44 21.73 -4.06 10.10
N ARG A 45 20.46 -4.23 10.45
CA ARG A 45 20.00 -5.21 11.48
C ARG A 45 20.49 -6.63 11.14
N VAL A 46 20.74 -6.97 9.87
CA VAL A 46 21.09 -8.37 9.51
C VAL A 46 22.40 -8.78 10.20
N PHE A 47 23.29 -7.83 10.54
CA PHE A 47 24.66 -8.17 11.02
C PHE A 47 24.60 -8.76 12.43
N SER A 48 23.51 -8.58 13.17
CA SER A 48 23.38 -9.13 14.55
C SER A 48 22.32 -10.24 14.58
N ASN A 49 22.02 -10.81 13.42
CA ASN A 49 21.09 -11.98 13.27
C ASN A 49 21.90 -13.15 12.70
N SER A 50 22.17 -14.19 13.50
CA SER A 50 23.14 -15.26 13.14
CA SER A 50 23.15 -15.24 13.12
C SER A 50 22.63 -16.02 11.91
N MET A 51 21.32 -16.16 11.77
CA MET A 51 20.76 -16.88 10.59
C MET A 51 20.92 -16.04 9.32
N ASP A 52 20.73 -14.72 9.38
CA ASP A 52 21.01 -13.83 8.23
C ASP A 52 22.50 -13.94 7.89
N VAL A 53 23.38 -13.86 8.88
CA VAL A 53 24.86 -13.84 8.65
C VAL A 53 25.26 -15.15 7.99
N GLU A 54 24.69 -16.27 8.42
CA GLU A 54 24.97 -17.59 7.83
C GLU A 54 24.59 -17.57 6.34
N LEU A 55 23.39 -17.11 5.98
CA LEU A 55 23.02 -17.10 4.54
C LEU A 55 23.90 -16.11 3.76
N ILE A 56 24.21 -14.94 4.33
CA ILE A 56 25.01 -13.91 3.59
C ILE A 56 26.37 -14.49 3.23
N THR A 57 27.08 -15.04 4.23
CA THR A 57 28.51 -15.42 4.09
C THR A 57 28.62 -16.69 3.26
N LYS A 58 27.61 -17.56 3.26
CA LYS A 58 27.64 -18.75 2.39
C LYS A 58 27.59 -18.34 0.91
N HIS A 59 26.73 -17.39 0.54
CA HIS A 59 26.31 -17.21 -0.90
C HIS A 59 26.91 -15.98 -1.57
N PHE A 60 27.29 -14.94 -0.82
CA PHE A 60 27.55 -13.59 -1.38
C PHE A 60 28.99 -13.17 -1.08
N ASN A 61 29.70 -12.65 -2.07
CA ASN A 61 31.04 -12.05 -1.86
C ASN A 61 31.00 -10.53 -2.12
N SER A 62 29.81 -9.95 -2.22
CA SER A 62 29.58 -8.49 -2.45
C SER A 62 28.37 -8.07 -1.64
N MET A 63 28.38 -6.87 -1.09
CA MET A 63 27.18 -6.31 -0.41
C MET A 63 27.00 -4.85 -0.77
N THR A 64 25.74 -4.42 -0.76
CA THR A 64 25.31 -3.01 -0.87
C THR A 64 24.51 -2.69 0.38
N ALA A 65 24.66 -1.49 0.94
CA ALA A 65 23.73 -0.99 1.98
C ALA A 65 22.40 -0.64 1.29
N GLU A 66 21.30 -1.21 1.77
CA GLU A 66 19.97 -0.97 1.15
C GLU A 66 19.61 0.52 1.26
N ASN A 67 19.90 1.16 2.39
CA ASN A 67 19.55 2.59 2.64
C ASN A 67 20.65 3.36 3.36
N GLU A 68 21.57 2.65 4.02
CA GLU A 68 22.40 3.20 5.12
C GLU A 68 23.55 4.04 4.56
N MET A 69 23.81 4.00 3.26
CA MET A 69 24.86 4.87 2.64
C MET A 69 24.24 5.92 1.69
N LYS A 70 22.92 6.11 1.74
CA LYS A 70 22.23 7.17 0.95
C LYS A 70 22.40 8.50 1.69
N PRO A 71 22.29 9.65 0.97
CA PRO A 71 22.58 10.94 1.58
C PRO A 71 21.75 11.26 2.84
N GLU A 72 20.46 10.93 2.86
CA GLU A 72 19.60 11.20 4.03
C GLU A 72 20.05 10.37 5.24
N SER A 73 20.73 9.24 5.01
CA SER A 73 21.20 8.33 6.08
C SER A 73 22.49 8.85 6.68
N ILE A 74 23.24 9.73 5.99
CA ILE A 74 24.56 10.25 6.46
C ILE A 74 24.48 11.74 6.84
N LEU A 75 23.74 12.55 6.08
CA LEU A 75 23.66 14.01 6.30
C LEU A 75 22.86 14.31 7.58
N ARG A 76 23.38 15.25 8.37
CA ARG A 76 22.73 15.81 9.58
C ARG A 76 22.98 17.32 9.61
N ARG A 77 22.12 18.06 10.31
CA ARG A 77 22.33 19.47 10.70
C ARG A 77 22.37 19.54 12.22
N ASP A 78 23.25 20.35 12.79
CA ASP A 78 23.25 20.65 14.27
C ASP A 78 22.29 21.84 14.50
N ALA A 79 22.17 22.30 15.75
CA ALA A 79 21.25 23.41 16.13
C ALA A 79 21.58 24.69 15.34
N SER A 80 22.86 24.98 15.06
CA SER A 80 23.29 26.17 14.27
C SER A 80 22.83 26.09 12.80
N GLY A 81 22.39 24.93 12.31
CA GLY A 81 22.10 24.68 10.88
C GLY A 81 23.32 24.21 10.10
N LYS A 82 24.42 23.92 10.79
CA LYS A 82 25.69 23.49 10.15
C LYS A 82 25.55 22.01 9.77
N ILE A 83 26.09 21.65 8.62
CA ILE A 83 26.04 20.25 8.09
C ILE A 83 27.19 19.43 8.67
N TYR A 84 26.86 18.23 9.11
CA TYR A 84 27.84 17.21 9.57
C TYR A 84 27.37 15.84 9.05
N TYR A 85 28.26 14.86 9.19
CA TYR A 85 28.14 13.53 8.57
C TYR A 85 28.19 12.50 9.68
N ASP A 86 27.22 11.59 9.71
CA ASP A 86 27.14 10.50 10.70
C ASP A 86 27.43 9.19 9.96
N PHE A 87 28.62 8.63 10.17
CA PHE A 87 29.07 7.36 9.55
C PHE A 87 28.90 6.19 10.51
N THR A 88 28.24 6.35 11.65
CA THR A 88 28.26 5.28 12.71
C THR A 88 27.63 4.00 12.14
N VAL A 89 26.60 4.11 11.30
CA VAL A 89 25.92 2.91 10.73
C VAL A 89 26.66 2.44 9.48
N ALA A 90 27.00 3.34 8.57
CA ALA A 90 27.72 2.98 7.32
C ALA A 90 29.04 2.22 7.65
N ASP A 91 29.78 2.62 8.69
CA ASP A 91 31.08 1.99 9.08
C ASP A 91 30.86 0.50 9.35
N ARG A 92 29.68 0.11 9.83
CA ARG A 92 29.36 -1.29 10.21
C ARG A 92 29.39 -2.17 8.95
N TYR A 93 29.05 -1.64 7.77
CA TYR A 93 29.13 -2.42 6.50
C TYR A 93 30.57 -2.75 6.15
N ILE A 94 31.49 -1.79 6.28
CA ILE A 94 32.92 -1.98 5.95
C ILE A 94 33.53 -2.97 6.96
N GLU A 95 33.22 -2.80 8.24
CA GLU A 95 33.70 -3.69 9.32
C GLU A 95 33.28 -5.13 8.97
N PHE A 96 32.02 -5.35 8.61
CA PHE A 96 31.51 -6.71 8.31
C PHE A 96 32.19 -7.27 7.05
N ALA A 97 32.27 -6.47 5.99
CA ALA A 97 32.90 -6.84 4.70
C ALA A 97 34.35 -7.28 4.93
N GLN A 98 35.11 -6.53 5.73
CA GLN A 98 36.56 -6.82 5.93
C GLN A 98 36.69 -8.14 6.69
N LYS A 99 35.85 -8.34 7.70
CA LYS A 99 35.83 -9.55 8.55
C LYS A 99 35.53 -10.79 7.70
N HIS A 100 34.66 -10.69 6.69
CA HIS A 100 34.16 -11.86 5.92
C HIS A 100 34.72 -11.88 4.50
N GLY A 101 35.67 -11.01 4.17
CA GLY A 101 36.31 -11.03 2.84
C GLY A 101 35.34 -10.69 1.71
N MET A 102 34.43 -9.74 1.92
CA MET A 102 33.44 -9.31 0.89
C MET A 102 33.84 -7.94 0.33
N VAL A 103 33.55 -7.68 -0.94
CA VAL A 103 33.63 -6.29 -1.48
C VAL A 103 32.31 -5.56 -1.19
N VAL A 104 32.36 -4.24 -1.22
CA VAL A 104 31.21 -3.33 -0.96
C VAL A 104 30.99 -2.46 -2.20
N ARG A 105 29.74 -2.41 -2.69
CA ARG A 105 29.26 -1.38 -3.63
C ARG A 105 28.67 -0.23 -2.80
N GLY A 106 29.23 0.96 -2.96
CA GLY A 106 28.72 2.18 -2.33
C GLY A 106 27.51 2.70 -3.09
N HIS A 107 26.41 2.91 -2.38
CA HIS A 107 25.11 3.32 -2.97
C HIS A 107 24.48 4.33 -2.03
N THR A 108 24.32 5.60 -2.43
CA THR A 108 24.71 6.21 -3.70
C THR A 108 25.01 7.67 -3.40
N LEU A 109 25.86 8.34 -4.19
CA LEU A 109 26.37 9.69 -3.82
C LEU A 109 25.38 10.79 -4.24
N VAL A 110 24.85 10.72 -5.45
CA VAL A 110 24.03 11.82 -6.02
C VAL A 110 22.75 11.22 -6.61
N TRP A 111 21.61 11.63 -6.06
CA TRP A 111 20.28 11.08 -6.36
C TRP A 111 19.21 12.15 -6.03
N HIS A 112 18.18 12.27 -6.84
CA HIS A 112 16.98 13.12 -6.55
C HIS A 112 16.20 12.56 -5.35
N SER A 113 16.36 11.29 -4.99
N SER A 113 16.36 11.28 -5.00
CA SER A 113 15.58 10.66 -3.90
CA SER A 113 15.57 10.65 -3.90
C SER A 113 16.46 10.42 -2.68
C SER A 113 16.45 10.43 -2.67
N GLN A 114 15.82 10.26 -1.51
CA GLN A 114 16.45 9.98 -0.19
C GLN A 114 17.62 10.93 0.04
N THR A 115 17.38 12.20 -0.27
CA THR A 115 18.31 13.32 -0.07
C THR A 115 17.47 14.47 0.50
N PRO A 116 17.80 15.04 1.67
CA PRO A 116 16.92 16.03 2.26
C PRO A 116 16.93 17.31 1.42
N GLU A 117 15.77 17.93 1.29
CA GLU A 117 15.58 19.20 0.53
C GLU A 117 16.48 20.32 1.10
N TRP A 118 16.76 20.32 2.40
CA TRP A 118 17.55 21.39 3.04
C TRP A 118 19.00 21.33 2.55
N PHE A 119 19.45 20.22 1.97
CA PHE A 119 20.82 20.08 1.45
C PHE A 119 21.05 21.06 0.29
N PHE A 120 19.99 21.51 -0.36
CA PHE A 120 20.06 22.38 -1.56
C PHE A 120 19.85 23.84 -1.17
N LYS A 121 19.76 24.13 0.13
CA LYS A 121 19.28 25.45 0.63
C LYS A 121 20.19 26.01 1.72
N ASP A 122 20.09 27.33 1.90
CA ASP A 122 20.80 28.08 2.98
C ASP A 122 19.90 28.08 4.23
N GLU A 123 20.38 28.71 5.30
CA GLU A 123 19.71 28.81 6.63
C GLU A 123 18.29 29.34 6.49
N LYS A 124 18.00 30.12 5.45
CA LYS A 124 16.70 30.83 5.28
C LYS A 124 15.80 30.07 4.30
N GLY A 125 16.21 28.88 3.82
CA GLY A 125 15.41 28.06 2.89
C GLY A 125 15.41 28.57 1.46
N ASN A 126 16.38 29.41 1.07
CA ASN A 126 16.56 29.79 -0.36
C ASN A 126 17.54 28.79 -1.01
N LEU A 127 17.34 28.52 -2.30
CA LEU A 127 18.26 27.69 -3.10
C LEU A 127 19.66 28.29 -3.02
N LEU A 128 20.65 27.43 -2.81
CA LEU A 128 22.06 27.83 -2.92
C LEU A 128 22.34 28.28 -4.35
N SER A 129 23.37 29.10 -4.53
CA SER A 129 24.01 29.40 -5.82
C SER A 129 24.62 28.10 -6.39
N ARG A 130 24.78 28.05 -7.71
CA ARG A 130 25.46 26.95 -8.42
C ARG A 130 26.84 26.72 -7.79
N GLU A 131 27.59 27.81 -7.58
CA GLU A 131 28.96 27.76 -7.02
C GLU A 131 28.91 27.11 -5.63
N ALA A 132 28.02 27.57 -4.77
CA ALA A 132 27.87 27.05 -3.39
C ALA A 132 27.44 25.57 -3.44
N MET A 133 26.54 25.19 -4.37
CA MET A 133 26.06 23.79 -4.41
C MET A 133 27.14 22.87 -5.00
N ILE A 134 27.93 23.35 -5.96
CA ILE A 134 29.08 22.56 -6.50
C ILE A 134 30.03 22.30 -5.33
N GLU A 135 30.27 23.33 -4.51
CA GLU A 135 31.20 23.21 -3.37
C GLU A 135 30.63 22.21 -2.36
N ARG A 136 29.32 22.26 -2.12
CA ARG A 136 28.67 21.36 -1.14
C ARG A 136 28.75 19.91 -1.63
N MET A 137 28.54 19.70 -2.95
CA MET A 137 28.59 18.38 -3.60
C MET A 137 30.01 17.84 -3.47
N ARG A 138 31.01 18.68 -3.80
CA ARG A 138 32.45 18.32 -3.74
C ARG A 138 32.82 17.83 -2.33
N GLU A 139 32.40 18.58 -1.31
CA GLU A 139 32.72 18.26 0.10
C GLU A 139 32.05 16.93 0.50
N TYR A 140 30.78 16.75 0.11
CA TYR A 140 29.99 15.53 0.42
C TYR A 140 30.73 14.32 -0.17
N ILE A 141 31.04 14.37 -1.47
CA ILE A 141 31.66 13.24 -2.20
C ILE A 141 33.07 13.01 -1.65
N HIS A 142 33.87 14.07 -1.48
CA HIS A 142 35.25 13.92 -0.92
C HIS A 142 35.19 13.27 0.45
N THR A 143 34.24 13.68 1.30
CA THR A 143 34.12 13.15 2.67
C THR A 143 33.73 11.67 2.61
N VAL A 144 32.72 11.32 1.83
CA VAL A 144 32.12 9.95 1.88
C VAL A 144 33.07 8.98 1.16
N VAL A 145 33.42 9.29 -0.08
CA VAL A 145 34.36 8.44 -0.87
C VAL A 145 35.74 8.45 -0.20
N GLY A 146 36.20 9.60 0.33
CA GLY A 146 37.50 9.73 1.03
C GLY A 146 37.59 8.84 2.27
N ARG A 147 36.53 8.83 3.07
CA ARG A 147 36.49 8.00 4.29
C ARG A 147 36.69 6.52 3.92
N TYR A 148 36.15 6.03 2.79
CA TYR A 148 36.11 4.58 2.48
C TYR A 148 37.12 4.25 1.38
N ARG A 149 38.03 5.19 1.13
CA ARG A 149 39.08 5.04 0.10
C ARG A 149 39.75 3.67 0.28
N GLY A 150 39.81 2.87 -0.79
CA GLY A 150 40.45 1.54 -0.80
C GLY A 150 39.58 0.45 -0.18
N LYS A 151 38.43 0.77 0.39
CA LYS A 151 37.59 -0.20 1.15
C LYS A 151 36.26 -0.46 0.43
N VAL A 152 35.83 0.49 -0.39
CA VAL A 152 34.63 0.37 -1.25
C VAL A 152 35.15 0.36 -2.68
N TYR A 153 35.10 -0.80 -3.36
CA TYR A 153 35.74 -0.97 -4.68
C TYR A 153 34.90 -0.33 -5.80
N ALA A 154 33.61 -0.06 -5.56
CA ALA A 154 32.72 0.51 -6.61
C ALA A 154 31.67 1.44 -6.00
N TRP A 155 31.37 2.54 -6.69
CA TRP A 155 30.36 3.53 -6.24
C TRP A 155 29.32 3.72 -7.34
N ASP A 156 28.04 3.70 -6.97
CA ASP A 156 26.94 4.35 -7.76
C ASP A 156 27.07 5.86 -7.49
N VAL A 157 27.81 6.56 -8.34
CA VAL A 157 28.13 8.00 -8.16
C VAL A 157 26.85 8.79 -8.43
N VAL A 158 26.21 8.54 -9.56
CA VAL A 158 24.93 9.20 -9.93
C VAL A 158 23.90 8.11 -10.21
N ASN A 159 22.71 8.32 -9.67
CA ASN A 159 21.57 7.38 -9.70
C ASN A 159 20.39 8.08 -10.37
N GLU A 160 19.83 7.47 -11.41
CA GLU A 160 18.50 7.84 -11.96
C GLU A 160 18.46 9.30 -12.43
N ALA A 161 19.46 9.75 -13.20
CA ALA A 161 19.51 11.13 -13.72
C ALA A 161 18.71 11.27 -15.03
N VAL A 162 18.31 10.16 -15.65
CA VAL A 162 17.69 10.18 -17.01
C VAL A 162 16.17 10.27 -16.89
N ASP A 163 15.57 11.15 -17.69
CA ASP A 163 14.10 11.25 -17.89
C ASP A 163 13.83 11.43 -19.38
N GLU A 164 13.37 10.36 -20.04
CA GLU A 164 13.08 10.33 -21.50
C GLU A 164 12.00 11.36 -21.87
N ASN A 165 11.24 11.90 -20.93
CA ASN A 165 10.17 12.89 -21.21
C ASN A 165 10.73 14.31 -21.34
N GLN A 166 12.00 14.54 -21.05
CA GLN A 166 12.62 15.89 -21.08
C GLN A 166 13.33 16.06 -22.42
N PRO A 167 13.41 17.29 -22.97
CA PRO A 167 14.07 17.53 -24.26
C PRO A 167 15.51 17.01 -24.34
N ASP A 168 16.31 17.18 -23.27
CA ASP A 168 17.73 16.73 -23.25
C ASP A 168 17.83 15.35 -22.58
N GLY A 169 16.72 14.72 -22.21
CA GLY A 169 16.73 13.37 -21.62
C GLY A 169 17.16 13.33 -20.16
N LEU A 170 17.20 14.47 -19.47
CA LEU A 170 17.74 14.54 -18.09
C LEU A 170 16.63 14.96 -17.13
N ARG A 171 16.50 14.23 -16.03
CA ARG A 171 15.51 14.50 -14.96
C ARG A 171 15.74 15.92 -14.41
N ARG A 172 14.67 16.68 -14.22
CA ARG A 172 14.72 18.06 -13.68
C ARG A 172 14.62 18.00 -12.16
N SER A 173 15.59 17.35 -11.51
CA SER A 173 15.66 17.28 -10.04
C SER A 173 16.25 18.59 -9.48
N LEU A 174 16.38 18.68 -8.15
CA LEU A 174 17.05 19.83 -7.49
C LEU A 174 18.50 19.91 -7.96
N TRP A 175 19.13 18.77 -8.23
CA TRP A 175 20.50 18.77 -8.78
C TRP A 175 20.54 19.55 -10.11
N TYR A 176 19.60 19.31 -11.01
CA TYR A 176 19.55 19.99 -12.32
C TYR A 176 19.20 21.47 -12.11
N GLN A 177 18.26 21.76 -11.22
CA GLN A 177 17.77 23.14 -11.00
C GLN A 177 18.81 23.99 -10.27
N VAL A 178 19.60 23.40 -9.38
CA VAL A 178 20.52 24.20 -8.53
C VAL A 178 21.91 24.29 -9.18
N ILE A 179 22.40 23.21 -9.76
CA ILE A 179 23.74 23.22 -10.43
C ILE A 179 23.57 23.30 -11.94
N GLY A 180 22.73 22.44 -12.52
CA GLY A 180 22.56 22.38 -13.99
C GLY A 180 23.08 21.05 -14.53
N PRO A 181 22.97 20.85 -15.87
CA PRO A 181 23.20 19.56 -16.50
C PRO A 181 24.62 18.97 -16.34
N ASP A 182 25.63 19.77 -16.02
CA ASP A 182 27.01 19.28 -15.74
C ASP A 182 27.10 18.70 -14.31
N TYR A 183 26.05 18.67 -13.49
CA TYR A 183 26.19 18.10 -12.12
C TYR A 183 26.69 16.64 -12.21
N ILE A 184 26.29 15.93 -13.28
CA ILE A 184 26.57 14.48 -13.48
C ILE A 184 28.08 14.29 -13.66
N GLU A 185 28.69 14.94 -14.65
CA GLU A 185 30.14 14.80 -14.88
C GLU A 185 30.93 15.38 -13.70
N LEU A 186 30.47 16.44 -13.05
CA LEU A 186 31.20 16.94 -11.84
C LEU A 186 31.23 15.87 -10.75
N ALA A 187 30.11 15.18 -10.51
CA ALA A 187 30.06 14.14 -9.47
C ALA A 187 31.12 13.08 -9.75
N PHE A 188 31.25 12.63 -10.99
CA PHE A 188 32.28 11.63 -11.36
C PHE A 188 33.69 12.22 -11.13
N LYS A 189 33.91 13.48 -11.50
CA LYS A 189 35.23 14.14 -11.32
C LYS A 189 35.58 14.09 -9.82
N PHE A 190 34.67 14.52 -8.95
CA PHE A 190 34.96 14.62 -7.50
C PHE A 190 35.21 13.22 -6.92
N ALA A 191 34.42 12.23 -7.34
CA ALA A 191 34.53 10.86 -6.76
C ALA A 191 35.89 10.28 -7.16
N HIS A 192 36.30 10.48 -8.41
CA HIS A 192 37.59 9.99 -8.93
C HIS A 192 38.77 10.67 -8.19
N GLU A 193 38.66 11.97 -7.86
CA GLU A 193 39.66 12.67 -7.01
C GLU A 193 39.73 12.00 -5.64
N ALA A 194 38.60 11.68 -5.03
CA ALA A 194 38.56 11.16 -3.65
C ALA A 194 39.05 9.72 -3.59
N ASP A 195 38.82 8.91 -4.64
CA ASP A 195 39.35 7.52 -4.70
C ASP A 195 39.61 7.14 -6.15
N PRO A 196 40.84 7.37 -6.63
CA PRO A 196 41.16 7.10 -8.02
C PRO A 196 41.12 5.62 -8.41
N ASP A 197 41.10 4.71 -7.43
CA ASP A 197 41.04 3.24 -7.67
C ASP A 197 39.60 2.72 -7.66
N ALA A 198 38.60 3.51 -7.24
CA ALA A 198 37.19 3.03 -7.18
C ALA A 198 36.66 2.92 -8.60
N LEU A 199 35.86 1.89 -8.87
CA LEU A 199 35.06 1.82 -10.13
C LEU A 199 33.80 2.68 -9.94
N LEU A 200 33.63 3.67 -10.81
CA LEU A 200 32.53 4.67 -10.70
C LEU A 200 31.42 4.36 -11.71
N PHE A 201 30.21 4.18 -11.18
CA PHE A 201 29.03 3.69 -11.96
C PHE A 201 28.00 4.80 -12.09
N TYR A 202 27.39 4.90 -13.28
CA TYR A 202 26.06 5.51 -13.53
C TYR A 202 25.02 4.39 -13.40
N ASN A 203 24.03 4.55 -12.51
CA ASN A 203 23.03 3.51 -12.13
C ASN A 203 21.63 4.00 -12.54
N ASP A 204 20.81 3.12 -13.11
CA ASP A 204 19.41 3.51 -13.48
C ASP A 204 18.51 2.27 -13.63
N TYR A 205 17.21 2.50 -13.66
CA TYR A 205 16.12 1.50 -13.83
C TYR A 205 15.42 1.72 -15.19
N ASN A 206 14.60 0.76 -15.59
CA ASN A 206 13.96 0.71 -16.94
C ASN A 206 15.04 0.92 -18.00
N GLU A 207 16.24 0.43 -17.72
CA GLU A 207 17.48 0.69 -18.47
C GLU A 207 17.46 -0.06 -19.82
N PHE A 208 16.54 -1.03 -20.00
CA PHE A 208 16.42 -1.86 -21.23
C PHE A 208 15.19 -1.44 -22.07
N PHE A 209 14.39 -0.49 -21.60
CA PHE A 209 13.35 0.16 -22.43
C PHE A 209 14.08 0.98 -23.48
N PRO A 210 13.71 0.87 -24.78
CA PRO A 210 14.53 1.43 -25.87
C PRO A 210 14.88 2.93 -25.77
N LYS A 211 13.92 3.79 -25.50
CA LYS A 211 14.15 5.26 -25.42
C LYS A 211 15.10 5.57 -24.26
N LYS A 212 14.90 4.97 -23.10
CA LYS A 212 15.77 5.29 -21.93
C LYS A 212 17.15 4.68 -22.17
N ARG A 213 17.19 3.44 -22.67
CA ARG A 213 18.46 2.76 -23.01
C ARG A 213 19.32 3.67 -23.92
N ASP A 214 18.71 4.26 -24.93
CA ASP A 214 19.47 5.05 -25.95
C ASP A 214 20.02 6.31 -25.28
N ILE A 215 19.24 6.93 -24.38
CA ILE A 215 19.68 8.14 -23.64
C ILE A 215 20.82 7.76 -22.67
N ILE A 216 20.68 6.66 -21.93
CA ILE A 216 21.77 6.20 -21.03
C ILE A 216 23.03 5.95 -21.87
N PHE A 217 22.92 5.23 -22.99
CA PHE A 217 24.09 4.91 -23.86
C PHE A 217 24.82 6.22 -24.27
N LYS A 218 24.06 7.17 -24.78
CA LYS A 218 24.54 8.47 -25.30
C LYS A 218 25.19 9.27 -24.16
N LEU A 219 24.53 9.38 -23.02
CA LEU A 219 25.11 10.06 -21.82
C LEU A 219 26.47 9.45 -21.45
N VAL A 220 26.55 8.12 -21.29
CA VAL A 220 27.77 7.46 -20.80
C VAL A 220 28.84 7.54 -21.89
N LYS A 221 28.49 7.31 -23.15
CA LYS A 221 29.49 7.30 -24.25
C LYS A 221 30.12 8.71 -24.36
N GLU A 222 29.29 9.75 -24.38
CA GLU A 222 29.74 11.16 -24.50
C GLU A 222 30.64 11.51 -23.33
N MET A 223 30.30 11.03 -22.11
CA MET A 223 31.11 11.37 -20.94
C MET A 223 32.47 10.66 -21.07
N ARG A 224 32.48 9.40 -21.50
CA ARG A 224 33.74 8.66 -21.73
C ARG A 224 34.56 9.40 -22.78
N GLU A 225 33.94 9.84 -23.87
CA GLU A 225 34.64 10.49 -24.99
C GLU A 225 35.30 11.79 -24.53
N LYS A 226 34.78 12.50 -23.54
CA LYS A 226 35.46 13.74 -23.10
C LYS A 226 36.27 13.47 -21.83
N GLY A 227 36.56 12.21 -21.50
CA GLY A 227 37.56 11.88 -20.44
C GLY A 227 36.99 11.96 -19.02
N VAL A 228 35.66 11.98 -18.86
CA VAL A 228 35.02 11.88 -17.52
C VAL A 228 35.33 10.50 -16.98
N PRO A 229 35.78 10.38 -15.72
CA PRO A 229 36.13 9.07 -15.17
C PRO A 229 34.90 8.25 -14.72
N ILE A 230 34.10 7.81 -15.69
CA ILE A 230 33.00 6.84 -15.47
C ILE A 230 33.49 5.49 -16.00
N HIS A 231 33.42 4.43 -15.18
CA HIS A 231 33.97 3.10 -15.52
C HIS A 231 32.86 2.09 -15.82
N GLY A 232 31.61 2.40 -15.47
CA GLY A 232 30.56 1.36 -15.42
C GLY A 232 29.16 1.90 -15.58
N ILE A 233 28.30 1.06 -16.14
CA ILE A 233 26.82 1.20 -16.11
C ILE A 233 26.28 0.21 -15.09
N GLY A 234 25.53 0.73 -14.12
CA GLY A 234 24.70 -0.09 -13.22
C GLY A 234 23.31 -0.26 -13.81
N MET A 235 22.95 -1.49 -14.12
CA MET A 235 21.59 -1.85 -14.57
C MET A 235 20.86 -2.39 -13.36
N GLN A 236 19.84 -1.69 -12.88
CA GLN A 236 19.15 -2.04 -11.62
C GLN A 236 18.46 -3.40 -11.76
N GLN A 237 17.85 -3.69 -12.91
CA GLN A 237 17.14 -4.98 -13.16
C GLN A 237 16.06 -5.21 -12.09
N HIS A 238 15.25 -4.19 -11.81
CA HIS A 238 13.98 -4.33 -11.04
C HIS A 238 12.93 -4.86 -12.00
N LEU A 239 12.82 -6.17 -12.10
CA LEU A 239 12.03 -6.85 -13.17
C LEU A 239 10.71 -7.37 -12.60
N THR A 240 9.77 -7.64 -13.51
CA THR A 240 8.52 -8.37 -13.26
C THR A 240 8.47 -9.53 -14.25
N LEU A 241 7.52 -10.45 -14.05
CA LEU A 241 7.32 -11.61 -14.94
C LEU A 241 6.77 -11.15 -16.30
N ALA A 242 6.34 -9.89 -16.43
CA ALA A 242 5.88 -9.31 -17.71
C ALA A 242 7.09 -8.88 -18.57
N ASP A 243 8.30 -8.83 -18.02
CA ASP A 243 9.45 -8.21 -18.74
C ASP A 243 9.99 -9.17 -19.80
N ASN A 244 10.55 -8.60 -20.86
CA ASN A 244 11.10 -9.30 -22.04
C ASN A 244 12.60 -9.41 -21.86
N VAL A 245 13.10 -10.58 -21.55
CA VAL A 245 14.54 -10.78 -21.26
C VAL A 245 15.37 -10.50 -22.52
N GLY A 246 14.78 -10.72 -23.71
CA GLY A 246 15.38 -10.34 -25.00
C GLY A 246 15.79 -8.87 -25.04
N TRP A 247 14.95 -7.97 -24.51
CA TRP A 247 15.27 -6.51 -24.43
C TRP A 247 16.52 -6.27 -23.59
N ILE A 248 16.71 -7.09 -22.55
CA ILE A 248 17.84 -6.93 -21.59
C ILE A 248 19.11 -7.34 -22.32
N ASP A 249 19.03 -8.47 -23.03
CA ASP A 249 20.14 -8.95 -23.90
C ASP A 249 20.57 -7.82 -24.85
N ILE A 250 19.62 -7.23 -25.58
CA ILE A 250 19.87 -6.13 -26.54
C ILE A 250 20.50 -4.91 -25.84
N ALA A 251 20.01 -4.53 -24.65
CA ALA A 251 20.53 -3.39 -23.88
C ALA A 251 21.98 -3.64 -23.54
N ILE A 252 22.31 -4.84 -23.06
CA ILE A 252 23.71 -5.16 -22.67
C ILE A 252 24.59 -5.14 -23.95
N GLN A 253 24.09 -5.62 -25.09
CA GLN A 253 24.81 -5.60 -26.40
C GLN A 253 25.14 -4.14 -26.77
N LYS A 254 24.20 -3.22 -26.61
CA LYS A 254 24.36 -1.80 -26.92
C LYS A 254 25.41 -1.20 -25.98
N PHE A 255 25.26 -1.40 -24.67
CA PHE A 255 26.10 -0.74 -23.63
C PHE A 255 27.55 -1.21 -23.76
N LYS A 256 27.76 -2.48 -24.08
CA LYS A 256 29.11 -3.08 -24.14
C LYS A 256 29.86 -2.59 -25.38
N THR A 257 29.22 -1.93 -26.34
CA THR A 257 29.94 -1.29 -27.47
C THR A 257 30.67 -0.02 -27.01
N ILE A 258 30.48 0.44 -25.75
CA ILE A 258 31.27 1.58 -25.18
C ILE A 258 32.59 1.00 -24.66
N SER A 259 33.70 1.39 -25.28
N SER A 259 33.70 1.37 -25.28
CA SER A 259 35.06 0.85 -25.05
CA SER A 259 35.02 0.74 -25.06
C SER A 259 35.42 0.95 -23.58
C SER A 259 35.44 0.94 -23.60
N GLY A 260 35.77 -0.17 -22.93
CA GLY A 260 36.32 -0.17 -21.55
C GLY A 260 35.28 -0.07 -20.44
N ILE A 261 33.98 0.05 -20.77
CA ILE A 261 32.87 0.10 -19.77
C ILE A 261 32.69 -1.31 -19.22
N GLN A 262 32.50 -1.47 -17.92
CA GLN A 262 31.99 -2.75 -17.38
C GLN A 262 30.56 -2.52 -16.88
N ILE A 263 29.82 -3.60 -16.65
CA ILE A 263 28.42 -3.54 -16.20
C ILE A 263 28.30 -4.25 -14.86
N HIS A 264 27.62 -3.60 -13.92
CA HIS A 264 27.09 -4.25 -12.69
C HIS A 264 25.59 -4.39 -12.85
N ILE A 265 25.07 -5.58 -12.56
CA ILE A 265 23.63 -5.75 -12.29
C ILE A 265 23.46 -5.40 -10.82
N THR A 266 22.84 -4.26 -10.51
CA THR A 266 22.97 -3.62 -9.18
C THR A 266 21.82 -3.95 -8.21
N GLU A 267 20.61 -4.21 -8.70
CA GLU A 267 19.43 -4.29 -7.76
C GLU A 267 18.43 -5.34 -8.21
N LEU A 268 18.93 -6.51 -8.64
CA LEU A 268 18.09 -7.51 -9.33
C LEU A 268 17.00 -8.01 -8.39
N ASP A 269 15.78 -8.02 -8.89
CA ASP A 269 14.67 -8.81 -8.28
C ASP A 269 13.66 -9.07 -9.38
N VAL A 270 12.84 -10.09 -9.22
CA VAL A 270 11.78 -10.46 -10.19
C VAL A 270 10.46 -10.61 -9.44
N SER A 271 9.61 -9.59 -9.52
CA SER A 271 8.26 -9.61 -8.95
C SER A 271 7.50 -10.76 -9.58
N VAL A 272 6.68 -11.44 -8.79
CA VAL A 272 5.76 -12.50 -9.31
C VAL A 272 4.57 -11.81 -10.00
N TYR A 273 4.41 -10.50 -9.86
CA TYR A 273 3.30 -9.74 -10.50
C TYR A 273 3.72 -9.31 -11.92
N LYS A 274 2.74 -8.96 -12.76
CA LYS A 274 3.00 -8.53 -14.16
C LYS A 274 2.78 -7.03 -14.30
N SER A 275 2.69 -6.32 -13.19
CA SER A 275 2.72 -4.84 -13.11
C SER A 275 3.03 -4.42 -11.68
N ARG A 276 3.11 -3.12 -11.44
CA ARG A 276 3.36 -2.51 -10.11
C ARG A 276 2.05 -2.27 -9.36
N SER A 277 0.89 -2.45 -9.99
CA SER A 277 -0.40 -2.38 -9.23
C SER A 277 -1.31 -3.50 -9.72
N PRO A 278 -0.96 -4.76 -9.35
CA PRO A 278 -1.76 -5.92 -9.75
C PRO A 278 -3.16 -5.79 -9.12
N SER A 279 -4.19 -6.27 -9.82
N SER A 279 -4.18 -6.27 -9.84
CA SER A 279 -5.58 -6.36 -9.29
CA SER A 279 -5.58 -6.38 -9.37
C SER A 279 -5.74 -7.69 -8.55
C SER A 279 -5.74 -7.68 -8.56
N ILE A 280 -4.95 -8.71 -8.90
CA ILE A 280 -4.89 -10.00 -8.18
C ILE A 280 -3.60 -10.01 -7.35
N ILE A 281 -3.73 -10.09 -6.02
CA ILE A 281 -2.60 -10.20 -5.07
C ILE A 281 -2.66 -11.59 -4.42
N TYR A 282 -1.52 -12.26 -4.27
CA TYR A 282 -1.47 -13.64 -3.72
C TYR A 282 -1.21 -13.55 -2.21
N GLN A 283 -1.87 -14.40 -1.45
CA GLN A 283 -1.54 -14.58 -0.01
C GLN A 283 -0.30 -15.48 0.07
N THR A 284 -0.31 -16.61 -0.63
CA THR A 284 0.88 -17.48 -0.85
C THR A 284 1.02 -17.66 -2.35
N PRO A 285 2.24 -17.86 -2.89
CA PRO A 285 2.45 -17.85 -4.32
C PRO A 285 1.99 -19.18 -4.93
N PRO A 286 1.16 -19.18 -5.99
CA PRO A 286 0.86 -20.41 -6.73
C PRO A 286 2.15 -21.08 -7.23
N SER A 287 2.15 -22.40 -7.19
CA SER A 287 3.27 -23.25 -7.66
C SER A 287 3.68 -22.83 -9.09
N GLU A 288 2.73 -22.63 -9.99
CA GLU A 288 2.99 -22.31 -11.41
C GLU A 288 3.66 -20.93 -11.51
N VAL A 289 3.38 -20.02 -10.58
CA VAL A 289 3.99 -18.67 -10.61
C VAL A 289 5.46 -18.80 -10.16
N LEU A 290 5.77 -19.63 -9.15
CA LEU A 290 7.19 -19.88 -8.76
C LEU A 290 7.97 -20.57 -9.89
N HIS A 291 7.32 -21.45 -10.65
CA HIS A 291 7.92 -22.15 -11.81
C HIS A 291 8.19 -21.14 -12.94
N GLU A 292 7.23 -20.28 -13.22
CA GLU A 292 7.41 -19.21 -14.24
C GLU A 292 8.60 -18.34 -13.81
N GLN A 293 8.72 -18.01 -12.53
CA GLN A 293 9.82 -17.15 -12.04
C GLN A 293 11.15 -17.90 -12.20
N ALA A 294 11.15 -19.21 -11.94
CA ALA A 294 12.36 -20.07 -12.08
C ALA A 294 12.85 -20.05 -13.54
N GLU A 295 11.94 -20.09 -14.49
CA GLU A 295 12.25 -20.09 -15.94
C GLU A 295 12.75 -18.70 -16.36
N PHE A 296 12.15 -17.66 -15.81
CA PHE A 296 12.54 -16.25 -16.04
C PHE A 296 13.98 -16.07 -15.57
N TYR A 297 14.30 -16.47 -14.34
CA TYR A 297 15.67 -16.31 -13.75
C TYR A 297 16.69 -17.17 -14.55
N ARG A 298 16.32 -18.36 -14.99
CA ARG A 298 17.16 -19.24 -15.86
C ARG A 298 17.60 -18.45 -17.09
N LYS A 299 16.65 -17.98 -17.91
CA LYS A 299 16.91 -17.20 -19.14
C LYS A 299 17.78 -15.97 -18.84
N LEU A 300 17.55 -15.33 -17.71
CA LEU A 300 18.23 -14.10 -17.29
C LEU A 300 19.71 -14.41 -17.08
N PHE A 301 20.01 -15.44 -16.30
CA PHE A 301 21.40 -15.84 -15.96
C PHE A 301 22.10 -16.45 -17.20
N GLU A 302 21.34 -17.01 -18.14
CA GLU A 302 21.93 -17.39 -19.45
C GLU A 302 22.44 -16.13 -20.17
N ILE A 303 21.64 -15.08 -20.22
CA ILE A 303 22.03 -13.77 -20.83
C ILE A 303 23.19 -13.13 -20.06
N TYR A 304 23.20 -13.18 -18.75
CA TYR A 304 24.31 -12.56 -17.97
C TYR A 304 25.62 -13.29 -18.29
N ARG A 305 25.60 -14.63 -18.33
CA ARG A 305 26.82 -15.46 -18.59
C ARG A 305 27.28 -15.23 -20.02
N LYS A 306 26.36 -15.14 -20.96
CA LYS A 306 26.67 -14.76 -22.37
C LYS A 306 27.46 -13.45 -22.39
N HIS A 307 27.21 -12.53 -21.46
CA HIS A 307 27.85 -11.20 -21.41
C HIS A 307 28.84 -11.13 -20.25
N THR A 308 29.41 -12.28 -19.84
CA THR A 308 30.36 -12.33 -18.70
C THR A 308 31.60 -11.47 -19.00
N ASP A 309 31.92 -11.25 -20.29
CA ASP A 309 33.06 -10.40 -20.72
C ASP A 309 32.88 -8.98 -20.16
N VAL A 310 31.66 -8.49 -19.99
CA VAL A 310 31.42 -7.09 -19.54
C VAL A 310 30.80 -7.05 -18.13
N ILE A 311 30.09 -8.10 -17.70
CA ILE A 311 29.35 -8.10 -16.40
C ILE A 311 30.30 -8.66 -15.35
N THR A 312 30.59 -7.87 -14.29
CA THR A 312 31.58 -8.21 -13.23
C THR A 312 30.94 -8.34 -11.84
N ASN A 313 29.67 -8.01 -11.69
CA ASN A 313 28.94 -8.07 -10.40
C ASN A 313 27.45 -8.20 -10.67
N VAL A 314 26.78 -9.20 -10.06
CA VAL A 314 25.30 -9.34 -10.04
C VAL A 314 24.87 -9.30 -8.58
N THR A 315 24.16 -8.22 -8.20
CA THR A 315 23.66 -7.97 -6.84
C THR A 315 22.13 -8.08 -6.83
N PHE A 316 21.58 -8.81 -5.87
CA PHE A 316 20.14 -9.00 -5.60
C PHE A 316 19.70 -7.95 -4.60
N TRP A 317 18.52 -7.35 -4.84
CA TRP A 317 18.00 -6.28 -3.95
C TRP A 317 17.21 -6.90 -2.79
N GLY A 318 17.92 -7.60 -1.91
CA GLY A 318 17.36 -8.18 -0.69
C GLY A 318 17.90 -9.59 -0.48
N LEU A 319 17.98 -10.01 0.77
CA LEU A 319 18.52 -11.33 1.15
C LEU A 319 17.49 -12.43 0.91
N LYS A 320 16.22 -12.19 1.22
CA LYS A 320 15.17 -13.23 1.16
C LYS A 320 13.81 -12.55 1.05
N ASP A 321 12.82 -13.31 0.56
CA ASP A 321 11.54 -12.77 0.04
C ASP A 321 10.90 -11.79 1.01
N ASP A 322 10.89 -12.08 2.31
CA ASP A 322 10.12 -11.26 3.27
C ASP A 322 10.88 -9.97 3.58
N TYR A 323 12.16 -9.83 3.19
CA TYR A 323 12.93 -8.58 3.39
C TYR A 323 12.75 -7.66 2.18
N SER A 324 12.02 -8.08 1.14
CA SER A 324 11.95 -7.34 -0.13
C SER A 324 11.19 -6.03 0.02
N TRP A 325 11.77 -4.94 -0.49
CA TRP A 325 11.09 -3.63 -0.66
C TRP A 325 9.77 -3.76 -1.47
N LEU A 326 9.63 -4.83 -2.25
CA LEU A 326 8.43 -5.03 -3.10
C LEU A 326 7.23 -5.43 -2.26
N ARG A 327 7.42 -5.70 -0.97
CA ARG A 327 6.28 -5.93 -0.04
C ARG A 327 5.71 -4.60 0.48
N PHE A 328 6.27 -3.43 0.13
CA PHE A 328 5.65 -2.17 0.61
C PHE A 328 5.75 -1.00 -0.39
N PHE A 329 6.82 -0.90 -1.16
CA PHE A 329 7.11 0.34 -1.92
C PHE A 329 5.97 0.69 -2.89
N PHE A 330 5.30 -0.28 -3.51
CA PHE A 330 4.19 -0.06 -4.47
C PHE A 330 2.84 -0.39 -3.81
N GLY A 331 2.78 -0.41 -2.48
CA GLY A 331 1.60 -0.87 -1.73
C GLY A 331 1.93 -2.11 -0.95
N ARG A 332 1.32 -2.28 0.23
CA ARG A 332 1.60 -3.42 1.13
C ARG A 332 0.99 -4.68 0.51
N ARG A 333 1.83 -5.66 0.21
CA ARG A 333 1.38 -6.98 -0.31
C ARG A 333 2.52 -7.98 -0.18
N ASN A 334 2.20 -9.26 -0.24
CA ASN A 334 3.24 -10.31 -0.33
C ASN A 334 3.79 -10.32 -1.75
N ASP A 335 5.09 -10.58 -1.87
CA ASP A 335 5.79 -10.82 -3.15
C ASP A 335 6.95 -11.74 -2.79
N TRP A 336 7.49 -12.45 -3.77
CA TRP A 336 8.53 -13.48 -3.56
C TRP A 336 9.57 -13.31 -4.65
N PRO A 337 10.34 -12.20 -4.63
CA PRO A 337 11.09 -11.77 -5.81
C PRO A 337 12.52 -12.32 -5.93
N LEU A 338 12.97 -13.08 -4.93
CA LEU A 338 14.41 -13.44 -4.75
C LEU A 338 14.61 -14.95 -4.81
N LEU A 339 15.81 -15.45 -4.50
CA LEU A 339 16.15 -16.88 -4.69
C LEU A 339 15.94 -17.64 -3.37
N PHE A 340 15.73 -16.94 -2.26
CA PHE A 340 15.55 -17.57 -0.93
C PHE A 340 14.21 -17.13 -0.34
N ASP A 341 13.51 -18.07 0.29
CA ASP A 341 12.16 -17.82 0.85
C ASP A 341 12.30 -17.30 2.29
N GLU A 342 11.16 -17.05 2.92
CA GLU A 342 11.02 -16.47 4.28
C GLU A 342 11.76 -17.36 5.30
N ASN A 343 11.95 -18.65 5.00
CA ASN A 343 12.61 -19.62 5.92
C ASN A 343 14.05 -19.89 5.50
N TYR A 344 14.65 -19.00 4.69
CA TYR A 344 16.07 -19.07 4.27
C TYR A 344 16.27 -20.24 3.28
N GLN A 345 15.20 -20.87 2.79
CA GLN A 345 15.30 -22.07 1.92
C GLN A 345 15.40 -21.64 0.46
N PRO A 346 16.20 -22.36 -0.36
CA PRO A 346 16.25 -22.10 -1.79
C PRO A 346 14.89 -22.31 -2.47
N LYS A 347 14.54 -21.42 -3.39
CA LYS A 347 13.30 -21.53 -4.19
C LYS A 347 13.59 -22.28 -5.48
N PRO A 348 12.56 -22.61 -6.29
CA PRO A 348 12.79 -23.11 -7.64
C PRO A 348 13.76 -22.24 -8.47
N ALA A 349 13.68 -20.91 -8.36
CA ALA A 349 14.59 -19.99 -9.09
C ALA A 349 16.04 -20.22 -8.67
N PHE A 350 16.32 -20.52 -7.40
CA PHE A 350 17.71 -20.82 -6.94
C PHE A 350 18.31 -21.92 -7.81
N TRP A 351 17.57 -23.02 -7.97
CA TRP A 351 18.08 -24.22 -8.70
C TRP A 351 18.27 -23.89 -10.19
N SER A 352 17.30 -23.21 -10.80
N SER A 352 17.31 -23.19 -10.80
CA SER A 352 17.34 -22.80 -12.23
CA SER A 352 17.36 -22.83 -12.23
C SER A 352 18.49 -21.82 -12.47
C SER A 352 18.50 -21.81 -12.47
N VAL A 353 18.84 -20.97 -11.49
CA VAL A 353 20.02 -20.05 -11.61
C VAL A 353 21.33 -20.86 -11.57
N ILE A 354 21.51 -21.73 -10.57
CA ILE A 354 22.64 -22.71 -10.43
C ILE A 354 22.83 -23.46 -11.76
N GLU A 355 21.73 -23.89 -12.41
CA GLU A 355 21.80 -24.78 -13.59
C GLU A 355 22.14 -24.01 -14.85
N SER A 356 22.05 -22.68 -14.85
CA SER A 356 22.59 -21.82 -15.93
C SER A 356 24.11 -22.06 -16.07
N VAL A 357 24.78 -22.57 -15.02
CA VAL A 357 26.21 -23.02 -15.04
C VAL A 357 26.27 -24.55 -15.18
N SER A 358 25.75 -25.30 -14.19
CA SER A 358 25.97 -26.76 -13.94
C SER A 358 25.20 -27.67 -14.92
N GLN B 24 -33.89 21.53 -10.35
CA GLN B 24 -34.88 22.42 -9.69
C GLN B 24 -35.21 21.92 -8.26
N ILE B 25 -35.05 20.62 -7.96
CA ILE B 25 -35.12 20.10 -6.56
C ILE B 25 -33.73 20.19 -5.93
N PRO B 26 -33.65 20.49 -4.62
CA PRO B 26 -32.33 20.70 -4.02
C PRO B 26 -31.50 19.40 -3.89
N SER B 27 -30.18 19.57 -3.88
CA SER B 27 -29.18 18.48 -3.72
CA SER B 27 -29.17 18.49 -3.72
C SER B 27 -29.00 18.16 -2.24
N LEU B 28 -29.23 16.90 -1.83
CA LEU B 28 -29.07 16.51 -0.40
C LEU B 28 -27.68 16.95 0.11
N LYS B 29 -26.61 16.64 -0.63
CA LYS B 29 -25.24 16.96 -0.15
C LYS B 29 -25.09 18.47 0.05
N ASP B 30 -25.73 19.30 -0.78
CA ASP B 30 -25.62 20.80 -0.69
C ASP B 30 -26.45 21.28 0.50
N VAL B 31 -27.65 20.75 0.69
CA VAL B 31 -28.55 21.16 1.81
C VAL B 31 -27.86 20.88 3.15
N PHE B 32 -27.05 19.82 3.24
CA PHE B 32 -26.41 19.41 4.52
C PHE B 32 -24.90 19.70 4.50
N LEU B 33 -24.43 20.53 3.57
CA LEU B 33 -22.97 20.76 3.33
C LEU B 33 -22.28 21.18 4.63
N GLN B 34 -22.93 21.99 5.47
CA GLN B 34 -22.35 22.53 6.73
C GLN B 34 -22.41 21.49 7.83
N ASP B 35 -23.10 20.37 7.64
CA ASP B 35 -23.52 19.49 8.75
C ASP B 35 -22.74 18.17 8.66
N PHE B 36 -22.83 17.48 7.51
CA PHE B 36 -22.21 16.15 7.33
C PHE B 36 -22.26 15.75 5.86
N LYS B 37 -21.39 14.82 5.50
CA LYS B 37 -21.45 14.14 4.18
C LYS B 37 -22.80 13.43 4.07
N ILE B 38 -23.34 13.36 2.87
CA ILE B 38 -24.54 12.55 2.55
C ILE B 38 -24.07 11.42 1.64
N GLY B 39 -24.25 10.18 2.09
CA GLY B 39 -23.69 9.02 1.37
C GLY B 39 -24.74 8.03 0.96
N VAL B 40 -24.33 7.09 0.12
CA VAL B 40 -25.23 6.04 -0.40
C VAL B 40 -24.44 4.76 -0.58
N ALA B 41 -25.07 3.65 -0.23
CA ALA B 41 -24.57 2.28 -0.46
C ALA B 41 -24.96 1.83 -1.88
N LEU B 42 -23.98 1.35 -2.65
CA LEU B 42 -24.11 1.08 -4.09
C LEU B 42 -23.55 -0.29 -4.46
N PRO B 43 -24.32 -1.07 -5.27
CA PRO B 43 -23.78 -2.22 -5.97
C PRO B 43 -23.06 -1.72 -7.23
N VAL B 44 -22.10 -2.50 -7.74
CA VAL B 44 -21.12 -1.98 -8.74
C VAL B 44 -21.83 -1.68 -10.08
N ARG B 45 -22.92 -2.38 -10.38
CA ARG B 45 -23.69 -2.19 -11.64
C ARG B 45 -24.11 -0.71 -11.81
N VAL B 46 -24.25 0.08 -10.74
CA VAL B 46 -24.81 1.44 -10.87
C VAL B 46 -23.87 2.31 -11.71
N PHE B 47 -22.57 1.99 -11.77
CA PHE B 47 -21.56 2.87 -12.43
C PHE B 47 -21.72 2.80 -13.95
N SER B 48 -22.41 1.77 -14.47
CA SER B 48 -22.67 1.53 -15.92
C SER B 48 -24.06 2.02 -16.32
N ASN B 49 -24.82 2.61 -15.39
CA ASN B 49 -26.24 3.00 -15.59
C ASN B 49 -26.34 4.52 -15.46
N SER B 50 -26.55 5.24 -16.56
CA SER B 50 -26.39 6.71 -16.58
C SER B 50 -27.49 7.34 -15.72
N MET B 51 -28.65 6.70 -15.57
CA MET B 51 -29.73 7.25 -14.72
C MET B 51 -29.35 7.11 -13.24
N ASP B 52 -28.75 5.99 -12.84
CA ASP B 52 -28.21 5.83 -11.46
C ASP B 52 -27.15 6.92 -11.22
N VAL B 53 -26.22 7.08 -12.17
CA VAL B 53 -25.05 8.00 -12.02
C VAL B 53 -25.55 9.42 -11.85
N GLU B 54 -26.60 9.78 -12.59
CA GLU B 54 -27.26 11.11 -12.52
C GLU B 54 -27.77 11.34 -11.08
N LEU B 55 -28.51 10.41 -10.51
CA LEU B 55 -29.04 10.63 -9.15
C LEU B 55 -27.89 10.58 -8.11
N ILE B 56 -26.91 9.71 -8.28
CA ILE B 56 -25.78 9.60 -7.30
C ILE B 56 -25.03 10.94 -7.22
N THR B 57 -24.60 11.47 -8.37
CA THR B 57 -23.69 12.65 -8.44
C THR B 57 -24.47 13.92 -8.05
N LYS B 58 -25.78 13.97 -8.27
CA LYS B 58 -26.57 15.14 -7.83
C LYS B 58 -26.61 15.23 -6.30
N HIS B 59 -26.83 14.10 -5.60
CA HIS B 59 -27.29 14.14 -4.18
C HIS B 59 -26.20 13.73 -3.16
N PHE B 60 -25.19 12.97 -3.56
CA PHE B 60 -24.32 12.25 -2.62
C PHE B 60 -22.87 12.67 -2.82
N ASN B 61 -22.15 12.96 -1.73
CA ASN B 61 -20.69 13.22 -1.81
C ASN B 61 -19.92 12.10 -1.07
N SER B 62 -20.59 11.00 -0.71
CA SER B 62 -19.98 9.82 -0.04
C SER B 62 -20.61 8.54 -0.61
N MET B 63 -19.83 7.48 -0.74
CA MET B 63 -20.38 6.18 -1.18
C MET B 63 -19.75 5.05 -0.34
N THR B 64 -20.55 4.00 -0.15
CA THR B 64 -20.13 2.71 0.46
C THR B 64 -20.45 1.65 -0.58
N ALA B 65 -19.55 0.68 -0.75
CA ALA B 65 -19.84 -0.54 -1.53
C ALA B 65 -20.84 -1.39 -0.72
N GLU B 66 -21.98 -1.72 -1.32
CA GLU B 66 -23.04 -2.46 -0.59
C GLU B 66 -22.50 -3.85 -0.21
N ASN B 67 -21.73 -4.50 -1.09
CA ASN B 67 -21.16 -5.83 -0.83
C ASN B 67 -19.70 -5.96 -1.27
N GLU B 68 -19.24 -5.09 -2.18
CA GLU B 68 -18.10 -5.39 -3.08
C GLU B 68 -16.77 -5.21 -2.33
N MET B 69 -16.76 -4.64 -1.12
CA MET B 69 -15.53 -4.55 -0.31
C MET B 69 -15.62 -5.42 0.95
N LYS B 70 -16.59 -6.34 1.01
CA LYS B 70 -16.70 -7.32 2.13
C LYS B 70 -15.73 -8.47 1.86
N PRO B 71 -15.29 -9.20 2.90
CA PRO B 71 -14.27 -10.24 2.72
C PRO B 71 -14.62 -11.30 1.66
N GLU B 72 -15.87 -11.75 1.59
CA GLU B 72 -16.25 -12.81 0.61
C GLU B 72 -16.19 -12.24 -0.81
N SER B 73 -16.25 -10.93 -0.96
CA SER B 73 -16.23 -10.26 -2.28
C SER B 73 -14.78 -10.05 -2.75
N ILE B 74 -13.77 -10.15 -1.87
CA ILE B 74 -12.32 -9.94 -2.21
C ILE B 74 -11.55 -11.27 -2.15
N LEU B 75 -11.80 -12.09 -1.12
CA LEU B 75 -11.09 -13.37 -0.93
C LEU B 75 -11.54 -14.40 -1.99
N ARG B 76 -10.56 -15.11 -2.54
CA ARG B 76 -10.75 -16.24 -3.48
C ARG B 76 -9.73 -17.32 -3.12
N ARG B 77 -10.02 -18.56 -3.51
CA ARG B 77 -9.08 -19.70 -3.48
C ARG B 77 -8.88 -20.22 -4.90
N ASP B 78 -7.67 -20.68 -5.23
CA ASP B 78 -7.41 -21.35 -6.54
C ASP B 78 -7.67 -22.84 -6.35
N ALA B 79 -7.46 -23.65 -7.40
CA ALA B 79 -7.67 -25.12 -7.35
C ALA B 79 -6.84 -25.76 -6.22
N SER B 80 -5.60 -25.32 -5.99
CA SER B 80 -4.71 -25.89 -4.93
C SER B 80 -5.18 -25.53 -3.51
N GLY B 81 -6.16 -24.62 -3.34
CA GLY B 81 -6.59 -24.13 -2.01
C GLY B 81 -5.85 -22.86 -1.58
N LYS B 82 -4.98 -22.31 -2.43
CA LYS B 82 -4.18 -21.10 -2.10
C LYS B 82 -5.08 -19.87 -2.20
N ILE B 83 -4.92 -18.95 -1.24
CA ILE B 83 -5.79 -17.76 -1.12
C ILE B 83 -5.18 -16.63 -1.96
N TYR B 84 -6.04 -15.90 -2.64
CA TYR B 84 -5.70 -14.64 -3.33
C TYR B 84 -6.81 -13.61 -3.08
N TYR B 85 -6.48 -12.35 -3.38
CA TYR B 85 -7.35 -11.17 -3.24
C TYR B 85 -7.64 -10.66 -4.65
N ASP B 86 -8.91 -10.46 -4.97
CA ASP B 86 -9.33 -9.90 -6.28
C ASP B 86 -9.91 -8.52 -6.02
N PHE B 87 -9.18 -7.46 -6.38
CA PHE B 87 -9.59 -6.04 -6.23
C PHE B 87 -10.20 -5.48 -7.53
N THR B 88 -10.44 -6.30 -8.56
CA THR B 88 -10.86 -5.75 -9.88
C THR B 88 -12.18 -4.98 -9.70
N VAL B 89 -13.11 -5.43 -8.85
CA VAL B 89 -14.43 -4.75 -8.67
C VAL B 89 -14.27 -3.59 -7.67
N ALA B 90 -13.64 -3.83 -6.52
CA ALA B 90 -13.45 -2.78 -5.49
C ALA B 90 -12.75 -1.54 -6.09
N ASP B 91 -11.75 -1.72 -6.96
CA ASP B 91 -10.99 -0.59 -7.59
C ASP B 91 -11.95 0.36 -8.32
N ARG B 92 -13.05 -0.15 -8.87
CA ARG B 92 -14.02 0.65 -9.66
C ARG B 92 -14.69 1.69 -8.75
N TYR B 93 -14.89 1.42 -7.46
CA TYR B 93 -15.46 2.41 -6.50
C TYR B 93 -14.53 3.61 -6.35
N ILE B 94 -13.22 3.36 -6.22
CA ILE B 94 -12.23 4.45 -6.01
C ILE B 94 -12.14 5.28 -7.30
N GLU B 95 -12.03 4.62 -8.44
CA GLU B 95 -11.98 5.27 -9.76
C GLU B 95 -13.20 6.21 -9.88
N PHE B 96 -14.40 5.74 -9.56
CA PHE B 96 -15.64 6.55 -9.71
C PHE B 96 -15.61 7.74 -8.73
N ALA B 97 -15.26 7.47 -7.47
CA ALA B 97 -15.18 8.50 -6.41
C ALA B 97 -14.21 9.61 -6.82
N GLN B 98 -13.04 9.26 -7.37
CA GLN B 98 -11.99 10.26 -7.70
C GLN B 98 -12.51 11.13 -8.84
N LYS B 99 -13.13 10.52 -9.84
CA LYS B 99 -13.71 11.21 -11.01
C LYS B 99 -14.79 12.20 -10.58
N HIS B 100 -15.60 11.90 -9.56
CA HIS B 100 -16.80 12.70 -9.20
C HIS B 100 -16.60 13.44 -7.87
N GLY B 101 -15.40 13.45 -7.33
CA GLY B 101 -15.14 14.22 -6.09
C GLY B 101 -15.88 13.66 -4.88
N MET B 102 -16.00 12.33 -4.74
CA MET B 102 -16.74 11.71 -3.60
C MET B 102 -15.73 11.07 -2.63
N VAL B 103 -16.06 11.04 -1.35
CA VAL B 103 -15.28 10.19 -0.40
C VAL B 103 -15.89 8.79 -0.40
N VAL B 104 -15.09 7.82 0.04
CA VAL B 104 -15.48 6.38 0.16
C VAL B 104 -15.37 5.96 1.62
N ARG B 105 -16.45 5.36 2.15
CA ARG B 105 -16.42 4.56 3.39
C ARG B 105 -16.12 3.12 2.99
N GLY B 106 -15.01 2.57 3.51
CA GLY B 106 -14.66 1.16 3.32
C GLY B 106 -15.48 0.28 4.25
N HIS B 107 -16.16 -0.72 3.70
CA HIS B 107 -17.08 -1.61 4.46
C HIS B 107 -16.90 -3.03 3.94
N THR B 108 -16.36 -3.98 4.74
CA THR B 108 -15.88 -3.86 6.10
C THR B 108 -14.77 -4.91 6.28
N LEU B 109 -13.82 -4.72 7.19
CA LEU B 109 -12.59 -5.56 7.26
C LEU B 109 -12.84 -6.84 8.06
N VAL B 110 -13.54 -6.72 9.19
CA VAL B 110 -13.69 -7.86 10.14
C VAL B 110 -15.14 -7.97 10.55
N TRP B 111 -15.75 -9.12 10.27
CA TRP B 111 -17.20 -9.36 10.42
C TRP B 111 -17.44 -10.86 10.49
N HIS B 112 -18.37 -11.30 11.33
CA HIS B 112 -18.81 -12.72 11.41
C HIS B 112 -19.54 -13.10 10.12
N SER B 113 -20.09 -12.15 9.37
CA SER B 113 -20.93 -12.44 8.19
C SER B 113 -20.17 -12.11 6.90
N GLN B 114 -20.62 -12.67 5.78
CA GLN B 114 -20.07 -12.45 4.41
C GLN B 114 -18.54 -12.58 4.44
N THR B 115 -18.07 -13.61 5.13
CA THR B 115 -16.66 -14.01 5.24
C THR B 115 -16.62 -15.52 5.08
N PRO B 116 -15.87 -16.09 4.12
CA PRO B 116 -15.92 -17.53 3.93
C PRO B 116 -15.29 -18.26 5.12
N GLU B 117 -15.91 -19.37 5.52
CA GLU B 117 -15.45 -20.21 6.65
C GLU B 117 -14.01 -20.70 6.39
N TRP B 118 -13.62 -20.96 5.14
CA TRP B 118 -12.26 -21.48 4.82
C TRP B 118 -11.19 -20.43 5.12
N PHE B 119 -11.54 -19.16 5.30
CA PHE B 119 -10.53 -18.11 5.65
C PHE B 119 -9.94 -18.37 7.05
N PHE B 120 -10.64 -19.14 7.89
CA PHE B 120 -10.25 -19.43 9.29
C PHE B 120 -9.54 -20.78 9.38
N LYS B 121 -9.24 -21.39 8.23
CA LYS B 121 -8.79 -22.82 8.17
C LYS B 121 -7.57 -22.97 7.27
N ASP B 122 -6.82 -24.05 7.50
CA ASP B 122 -5.66 -24.45 6.66
C ASP B 122 -6.18 -25.26 5.48
N GLU B 123 -5.26 -25.71 4.62
CA GLU B 123 -5.54 -26.46 3.37
C GLU B 123 -6.32 -27.74 3.68
N LYS B 124 -6.27 -28.27 4.91
CA LYS B 124 -6.96 -29.53 5.29
C LYS B 124 -8.28 -29.25 6.03
N GLY B 125 -8.73 -28.00 6.17
CA GLY B 125 -9.98 -27.66 6.87
C GLY B 125 -9.89 -27.71 8.40
N ASN B 126 -8.69 -27.69 8.99
CA ASN B 126 -8.55 -27.49 10.46
C ASN B 126 -8.49 -25.99 10.76
N LEU B 127 -9.10 -25.57 11.87
CA LEU B 127 -8.95 -24.21 12.45
C LEU B 127 -7.47 -23.83 12.52
N LEU B 128 -7.12 -22.65 12.03
CA LEU B 128 -5.78 -22.09 12.22
C LEU B 128 -5.54 -21.93 13.73
N SER B 129 -4.27 -21.87 14.11
CA SER B 129 -3.82 -21.43 15.45
C SER B 129 -4.13 -19.93 15.59
N ARG B 130 -4.24 -19.46 16.83
CA ARG B 130 -4.41 -18.01 17.14
C ARG B 130 -3.30 -17.21 16.44
N GLU B 131 -2.06 -17.66 16.58
CA GLU B 131 -0.87 -17.01 15.97
C GLU B 131 -1.05 -16.90 14.46
N ALA B 132 -1.38 -18.00 13.80
CA ALA B 132 -1.57 -18.06 12.33
C ALA B 132 -2.74 -17.17 11.92
N MET B 133 -3.84 -17.14 12.69
CA MET B 133 -5.02 -16.31 12.31
C MET B 133 -4.73 -14.82 12.56
N ILE B 134 -3.95 -14.49 13.58
CA ILE B 134 -3.56 -13.06 13.81
C ILE B 134 -2.73 -12.63 12.60
N GLU B 135 -1.82 -13.48 12.13
CA GLU B 135 -0.95 -13.18 10.96
C GLU B 135 -1.85 -13.02 9.72
N ARG B 136 -2.84 -13.88 9.57
CA ARG B 136 -3.73 -13.87 8.39
C ARG B 136 -4.56 -12.59 8.40
N MET B 137 -5.05 -12.20 9.58
CA MET B 137 -5.85 -10.96 9.75
C MET B 137 -4.97 -9.76 9.42
N ARG B 138 -3.75 -9.72 9.96
CA ARG B 138 -2.77 -8.64 9.73
C ARG B 138 -2.57 -8.45 8.22
N GLU B 139 -2.29 -9.54 7.50
CA GLU B 139 -1.99 -9.54 6.04
C GLU B 139 -3.23 -9.04 5.28
N TYR B 140 -4.41 -9.52 5.67
CA TYR B 140 -5.71 -9.15 5.02
C TYR B 140 -5.88 -7.64 5.13
N ILE B 141 -5.81 -7.12 6.35
CA ILE B 141 -6.05 -5.66 6.63
C ILE B 141 -4.95 -4.84 5.97
N HIS B 142 -3.67 -5.24 6.12
CA HIS B 142 -2.55 -4.49 5.49
C HIS B 142 -2.78 -4.43 3.98
N THR B 143 -3.18 -5.53 3.35
CA THR B 143 -3.32 -5.61 1.88
C THR B 143 -4.49 -4.71 1.45
N VAL B 144 -5.64 -4.81 2.11
CA VAL B 144 -6.88 -4.10 1.68
C VAL B 144 -6.76 -2.62 2.02
N VAL B 145 -6.51 -2.29 3.28
CA VAL B 145 -6.39 -0.87 3.71
C VAL B 145 -5.16 -0.25 3.03
N GLY B 146 -4.07 -1.01 2.87
CA GLY B 146 -2.82 -0.55 2.23
C GLY B 146 -3.04 -0.19 0.77
N ARG B 147 -3.78 -1.01 0.04
CA ARG B 147 -4.09 -0.73 -1.36
C ARG B 147 -4.76 0.63 -1.52
N TYR B 148 -5.63 1.05 -0.59
CA TYR B 148 -6.50 2.23 -0.76
C TYR B 148 -6.01 3.36 0.13
N ARG B 149 -4.77 3.23 0.63
CA ARG B 149 -4.15 4.25 1.50
C ARG B 149 -4.32 5.62 0.85
N GLY B 150 -4.87 6.58 1.57
CA GLY B 150 -5.06 7.95 1.08
C GLY B 150 -6.28 8.11 0.20
N LYS B 151 -7.00 7.04 -0.16
CA LYS B 151 -8.15 7.11 -1.11
C LYS B 151 -9.48 6.79 -0.43
N VAL B 152 -9.45 6.03 0.67
CA VAL B 152 -10.64 5.66 1.48
C VAL B 152 -10.49 6.35 2.83
N TYR B 153 -11.29 7.38 3.10
CA TYR B 153 -11.08 8.28 4.26
C TYR B 153 -11.58 7.64 5.55
N ALA B 154 -12.44 6.62 5.47
CA ALA B 154 -12.99 5.95 6.68
C ALA B 154 -13.18 4.45 6.43
N TRP B 155 -12.93 3.62 7.44
CA TRP B 155 -13.16 2.16 7.38
C TRP B 155 -14.08 1.75 8.52
N ASP B 156 -15.08 0.91 8.23
CA ASP B 156 -15.73 0.03 9.24
C ASP B 156 -14.77 -1.13 9.48
N VAL B 157 -13.91 -1.02 10.50
CA VAL B 157 -12.80 -1.97 10.74
C VAL B 157 -13.42 -3.25 11.30
N VAL B 158 -14.28 -3.10 12.30
CA VAL B 158 -15.00 -4.23 12.93
C VAL B 158 -16.50 -3.91 12.89
N ASN B 159 -17.26 -4.92 12.52
CA ASN B 159 -18.71 -4.84 12.29
C ASN B 159 -19.39 -5.85 13.21
N GLU B 160 -20.33 -5.40 14.04
CA GLU B 160 -21.30 -6.27 14.74
C GLU B 160 -20.60 -7.27 15.67
N ALA B 161 -19.64 -6.82 16.48
CA ALA B 161 -18.88 -7.69 17.39
C ALA B 161 -19.63 -7.91 18.70
N VAL B 162 -20.67 -7.10 18.97
CA VAL B 162 -21.40 -7.10 20.26
C VAL B 162 -22.57 -8.10 20.19
N ASP B 163 -22.70 -8.90 21.25
CA ASP B 163 -23.87 -9.79 21.51
C ASP B 163 -24.25 -9.61 22.97
N GLU B 164 -25.33 -8.86 23.20
CA GLU B 164 -25.87 -8.50 24.53
C GLU B 164 -26.31 -9.76 25.29
N ASN B 165 -26.45 -10.92 24.65
CA ASN B 165 -26.81 -12.17 25.36
C ASN B 165 -25.58 -12.92 25.89
N GLN B 166 -24.36 -12.43 25.65
CA GLN B 166 -23.12 -13.12 26.12
C GLN B 166 -22.66 -12.45 27.41
N PRO B 167 -22.04 -13.20 28.35
CA PRO B 167 -21.58 -12.60 29.61
C PRO B 167 -20.62 -11.41 29.45
N ASP B 168 -19.70 -11.45 28.47
CA ASP B 168 -18.75 -10.33 28.21
C ASP B 168 -19.31 -9.40 27.11
N GLY B 169 -20.52 -9.65 26.63
CA GLY B 169 -21.16 -8.77 25.62
C GLY B 169 -20.60 -8.96 24.22
N LEU B 170 -19.85 -10.03 23.94
CA LEU B 170 -19.13 -10.17 22.65
C LEU B 170 -19.64 -11.39 21.91
N ARG B 171 -19.95 -11.20 20.63
CA ARG B 171 -20.47 -12.28 19.76
C ARG B 171 -19.43 -13.40 19.67
N ARG B 172 -19.86 -14.65 19.79
CA ARG B 172 -18.98 -15.84 19.68
C ARG B 172 -18.88 -16.25 18.21
N SER B 173 -18.36 -15.37 17.37
CA SER B 173 -18.05 -15.66 15.95
C SER B 173 -16.75 -16.49 15.83
N LEU B 174 -16.40 -16.90 14.61
CA LEU B 174 -15.11 -17.61 14.33
C LEU B 174 -13.95 -16.70 14.73
N TRP B 175 -14.10 -15.38 14.61
CA TRP B 175 -13.07 -14.43 15.07
C TRP B 175 -12.79 -14.65 16.57
N TYR B 176 -13.82 -14.76 17.38
CA TYR B 176 -13.69 -14.94 18.85
C TYR B 176 -13.13 -16.35 19.12
N GLN B 177 -13.63 -17.36 18.39
CA GLN B 177 -13.25 -18.77 18.58
C GLN B 177 -11.79 -19.03 18.15
N VAL B 178 -11.31 -18.36 17.10
CA VAL B 178 -9.99 -18.69 16.50
C VAL B 178 -8.90 -17.78 17.08
N ILE B 179 -9.17 -16.49 17.31
CA ILE B 179 -8.20 -15.55 17.90
C ILE B 179 -8.53 -15.31 19.37
N GLY B 180 -9.77 -14.94 19.67
CA GLY B 180 -10.20 -14.55 21.02
C GLY B 180 -10.59 -13.08 21.10
N PRO B 181 -10.98 -12.61 22.31
CA PRO B 181 -11.59 -11.28 22.50
C PRO B 181 -10.72 -10.08 22.12
N ASP B 182 -9.39 -10.22 22.05
CA ASP B 182 -8.48 -9.13 21.57
C ASP B 182 -8.50 -9.02 20.02
N TYR B 183 -9.26 -9.83 19.28
CA TYR B 183 -9.28 -9.70 17.80
C TYR B 183 -9.70 -8.28 17.41
N ILE B 184 -10.56 -7.65 18.22
CA ILE B 184 -11.18 -6.34 17.92
C ILE B 184 -10.10 -5.26 17.97
N GLU B 185 -9.38 -5.15 19.07
CA GLU B 185 -8.30 -4.13 19.22
C GLU B 185 -7.18 -4.43 18.23
N LEU B 186 -6.85 -5.71 17.97
CA LEU B 186 -5.78 -6.02 16.97
C LEU B 186 -6.20 -5.48 15.59
N ALA B 187 -7.45 -5.67 15.19
CA ALA B 187 -7.92 -5.23 13.86
C ALA B 187 -7.69 -3.73 13.72
N PHE B 188 -8.05 -2.95 14.74
CA PHE B 188 -7.84 -1.47 14.71
C PHE B 188 -6.34 -1.16 14.64
N LYS B 189 -5.51 -1.88 15.40
CA LYS B 189 -4.03 -1.64 15.37
C LYS B 189 -3.55 -1.85 13.94
N PHE B 190 -3.90 -2.96 13.30
CA PHE B 190 -3.38 -3.28 11.94
C PHE B 190 -3.88 -2.25 10.92
N ALA B 191 -5.15 -1.83 11.02
CA ALA B 191 -5.73 -0.88 10.02
C ALA B 191 -5.01 0.46 10.13
N HIS B 192 -4.74 0.90 11.35
CA HIS B 192 -4.04 2.19 11.62
C HIS B 192 -2.60 2.13 11.07
N GLU B 193 -1.91 0.99 11.19
CA GLU B 193 -0.60 0.79 10.54
C GLU B 193 -0.72 0.93 9.03
N ALA B 194 -1.74 0.35 8.41
CA ALA B 194 -1.88 0.32 6.93
C ALA B 194 -2.26 1.70 6.40
N ASP B 195 -3.03 2.50 7.15
CA ASP B 195 -3.37 3.89 6.74
C ASP B 195 -3.57 4.75 7.98
N PRO B 196 -2.51 5.43 8.46
CA PRO B 196 -2.58 6.25 9.66
C PRO B 196 -3.53 7.44 9.57
N ASP B 197 -3.93 7.84 8.36
CA ASP B 197 -4.85 9.00 8.15
C ASP B 197 -6.32 8.54 8.04
N ALA B 198 -6.62 7.24 7.95
CA ALA B 198 -8.03 6.78 7.81
C ALA B 198 -8.72 6.96 9.16
N LEU B 199 -10.00 7.37 9.15
CA LEU B 199 -10.89 7.28 10.33
C LEU B 199 -11.39 5.85 10.46
N LEU B 200 -11.12 5.24 11.60
CA LEU B 200 -11.43 3.81 11.86
C LEU B 200 -12.65 3.72 12.76
N PHE B 201 -13.66 2.97 12.30
CA PHE B 201 -15.01 2.92 12.92
C PHE B 201 -15.30 1.52 13.43
N TYR B 202 -15.95 1.46 14.58
CA TYR B 202 -16.71 0.29 15.08
C TYR B 202 -18.18 0.49 14.68
N ASN B 203 -18.74 -0.45 13.90
CA ASN B 203 -20.09 -0.35 13.27
C ASN B 203 -21.01 -1.40 13.90
N ASP B 204 -22.25 -1.03 14.20
CA ASP B 204 -23.23 -2.01 14.73
C ASP B 204 -24.69 -1.55 14.50
N TYR B 205 -25.61 -2.50 14.66
CA TYR B 205 -27.09 -2.30 14.56
C TYR B 205 -27.72 -2.49 15.94
N ASN B 206 -29.00 -2.14 16.06
CA ASN B 206 -29.77 -2.12 17.34
C ASN B 206 -28.94 -1.34 18.36
N GLU B 207 -28.24 -0.32 17.87
CA GLU B 207 -27.17 0.41 18.58
C GLU B 207 -27.78 1.36 19.62
N PHE B 208 -29.11 1.60 19.56
CA PHE B 208 -29.85 2.54 20.45
C PHE B 208 -30.74 1.75 21.43
N PHE B 209 -30.79 0.43 21.32
CA PHE B 209 -31.43 -0.47 22.31
C PHE B 209 -30.58 -0.35 23.57
N PRO B 210 -31.16 -0.07 24.78
CA PRO B 210 -30.35 0.35 25.93
C PRO B 210 -29.23 -0.61 26.36
N LYS B 211 -29.51 -1.91 26.45
CA LYS B 211 -28.50 -2.91 26.88
C LYS B 211 -27.35 -2.97 25.85
N LYS B 212 -27.65 -3.00 24.55
CA LYS B 212 -26.60 -3.12 23.51
C LYS B 212 -25.83 -1.79 23.46
N ARG B 213 -26.56 -0.67 23.50
CA ARG B 213 -25.94 0.67 23.51
C ARG B 213 -24.87 0.76 24.61
N ASP B 214 -25.16 0.27 25.80
CA ASP B 214 -24.26 0.41 26.97
C ASP B 214 -23.03 -0.46 26.74
N ILE B 215 -23.19 -1.65 26.13
CA ILE B 215 -22.05 -2.55 25.80
C ILE B 215 -21.19 -1.89 24.72
N ILE B 216 -21.80 -1.32 23.68
CA ILE B 216 -21.04 -0.63 22.62
C ILE B 216 -20.26 0.53 23.26
N PHE B 217 -20.91 1.33 24.10
CA PHE B 217 -20.28 2.50 24.76
C PHE B 217 -19.03 2.04 25.52
N LYS B 218 -19.20 1.00 26.33
CA LYS B 218 -18.15 0.42 27.22
C LYS B 218 -17.00 -0.12 26.37
N LEU B 219 -17.30 -0.88 25.31
CA LEU B 219 -16.28 -1.44 24.40
C LEU B 219 -15.45 -0.29 23.80
N VAL B 220 -16.10 0.71 23.20
CA VAL B 220 -15.38 1.81 22.49
C VAL B 220 -14.62 2.66 23.52
N LYS B 221 -15.24 2.97 24.65
CA LYS B 221 -14.59 3.85 25.67
C LYS B 221 -13.32 3.16 26.20
N GLU B 222 -13.42 1.90 26.58
CA GLU B 222 -12.29 1.09 27.13
C GLU B 222 -11.17 1.03 26.09
N MET B 223 -11.51 0.87 24.81
CA MET B 223 -10.49 0.76 23.76
C MET B 223 -9.79 2.11 23.61
N ARG B 224 -10.55 3.20 23.63
CA ARG B 224 -9.96 4.55 23.56
C ARG B 224 -9.03 4.75 24.76
N GLU B 225 -9.46 4.35 25.94
CA GLU B 225 -8.66 4.55 27.18
C GLU B 225 -7.35 3.77 27.14
N LYS B 226 -7.25 2.64 26.43
CA LYS B 226 -5.96 1.93 26.37
C LYS B 226 -5.24 2.25 25.04
N GLY B 227 -5.61 3.31 24.36
CA GLY B 227 -4.82 3.86 23.23
C GLY B 227 -5.05 3.15 21.91
N VAL B 228 -6.09 2.33 21.79
CA VAL B 228 -6.45 1.69 20.50
C VAL B 228 -6.86 2.78 19.53
N PRO B 229 -6.34 2.80 18.29
CA PRO B 229 -6.69 3.84 17.33
C PRO B 229 -8.09 3.64 16.70
N ILE B 230 -9.15 3.80 17.50
CA ILE B 230 -10.56 3.85 17.04
C ILE B 230 -11.00 5.32 17.09
N HIS B 231 -11.54 5.83 15.99
CA HIS B 231 -11.90 7.27 15.83
C HIS B 231 -13.40 7.45 15.84
N GLY B 232 -14.20 6.38 15.65
CA GLY B 232 -15.62 6.55 15.34
C GLY B 232 -16.49 5.40 15.74
N ILE B 233 -17.75 5.70 16.04
CA ILE B 233 -18.88 4.74 16.11
C ILE B 233 -19.72 4.89 14.84
N GLY B 234 -19.90 3.79 14.13
CA GLY B 234 -20.91 3.69 13.05
C GLY B 234 -22.23 3.19 13.62
N MET B 235 -23.26 4.02 13.57
CA MET B 235 -24.64 3.60 13.93
C MET B 235 -25.39 3.25 12.63
N GLN B 236 -25.75 1.98 12.45
CA GLN B 236 -26.31 1.51 11.16
C GLN B 236 -27.65 2.21 10.87
N GLN B 237 -28.51 2.36 11.88
CA GLN B 237 -29.85 3.00 11.76
C GLN B 237 -30.69 2.26 10.70
N HIS B 238 -30.73 0.94 10.81
CA HIS B 238 -31.72 0.09 10.09
C HIS B 238 -33.02 0.16 10.88
N LEU B 239 -33.86 1.13 10.56
CA LEU B 239 -35.04 1.49 11.38
C LEU B 239 -36.32 0.96 10.74
N THR B 240 -37.37 0.84 11.56
CA THR B 240 -38.77 0.63 11.11
C THR B 240 -39.61 1.77 11.68
N LEU B 241 -40.85 1.91 11.22
CA LEU B 241 -41.78 2.93 11.71
C LEU B 241 -42.18 2.64 13.16
N ALA B 242 -41.90 1.45 13.70
CA ALA B 242 -42.11 1.09 15.12
C ALA B 242 -41.02 1.71 16.03
N ASP B 243 -39.93 2.24 15.48
CA ASP B 243 -38.75 2.60 16.31
C ASP B 243 -39.00 3.93 17.04
N ASN B 244 -38.36 4.06 18.20
CA ASN B 244 -38.50 5.21 19.12
C ASN B 244 -37.31 6.12 18.87
N VAL B 245 -37.57 7.23 18.19
CA VAL B 245 -36.52 8.16 17.73
C VAL B 245 -35.85 8.79 18.96
N GLY B 246 -36.60 8.89 20.08
CA GLY B 246 -36.08 9.40 21.36
C GLY B 246 -34.92 8.55 21.88
N TRP B 247 -34.99 7.24 21.71
CA TRP B 247 -33.88 6.31 22.07
C TRP B 247 -32.64 6.59 21.24
N ILE B 248 -32.81 7.03 19.99
CA ILE B 248 -31.68 7.30 19.07
C ILE B 248 -30.99 8.57 19.56
N ASP B 249 -31.77 9.57 19.89
CA ASP B 249 -31.27 10.83 20.50
C ASP B 249 -30.41 10.50 21.74
N ILE B 250 -30.96 9.71 22.67
CA ILE B 250 -30.30 9.32 23.95
C ILE B 250 -29.01 8.56 23.65
N ALA B 251 -29.01 7.63 22.68
CA ALA B 251 -27.82 6.85 22.30
C ALA B 251 -26.72 7.78 21.81
N ILE B 252 -27.05 8.74 20.96
CA ILE B 252 -26.03 9.69 20.43
C ILE B 252 -25.49 10.54 21.60
N GLN B 253 -26.34 10.93 22.55
CA GLN B 253 -25.92 11.70 23.75
C GLN B 253 -24.90 10.89 24.55
N LYS B 254 -25.15 9.59 24.75
CA LYS B 254 -24.28 8.67 25.49
C LYS B 254 -22.93 8.55 24.75
N PHE B 255 -22.97 8.24 23.45
CA PHE B 255 -21.75 7.92 22.65
C PHE B 255 -20.85 9.15 22.56
N LYS B 256 -21.44 10.35 22.43
CA LYS B 256 -20.67 11.59 22.22
C LYS B 256 -19.96 11.99 23.51
N THR B 257 -20.26 11.38 24.66
CA THR B 257 -19.49 11.65 25.91
C THR B 257 -18.13 10.93 25.87
N ILE B 258 -17.84 10.12 24.83
CA ILE B 258 -16.48 9.54 24.61
C ILE B 258 -15.65 10.60 23.89
N SER B 259 -14.62 11.11 24.56
CA SER B 259 -13.88 12.31 24.12
C SER B 259 -13.22 12.01 22.77
N GLY B 260 -13.42 12.88 21.78
CA GLY B 260 -12.74 12.84 20.47
C GLY B 260 -13.39 11.88 19.47
N ILE B 261 -14.44 11.14 19.84
CA ILE B 261 -15.14 10.15 18.95
C ILE B 261 -15.98 10.95 17.95
N GLN B 262 -16.03 10.54 16.70
CA GLN B 262 -17.10 11.06 15.81
C GLN B 262 -18.06 9.91 15.48
N ILE B 263 -19.24 10.27 14.97
CA ILE B 263 -20.29 9.29 14.63
C ILE B 263 -20.59 9.40 13.14
N HIS B 264 -20.62 8.26 12.47
CA HIS B 264 -21.24 8.08 11.13
C HIS B 264 -22.57 7.34 11.31
N ILE B 265 -23.61 7.87 10.68
CA ILE B 265 -24.86 7.10 10.41
C ILE B 265 -24.56 6.32 9.15
N THR B 266 -24.39 4.99 9.24
CA THR B 266 -23.70 4.21 8.18
C THR B 266 -24.67 3.52 7.19
N GLU B 267 -25.87 3.13 7.62
CA GLU B 267 -26.74 2.25 6.77
C GLU B 267 -28.22 2.63 6.90
N LEU B 268 -28.52 3.92 6.91
CA LEU B 268 -29.86 4.41 7.25
C LEU B 268 -30.91 3.90 6.23
N ASP B 269 -32.00 3.34 6.74
CA ASP B 269 -33.25 3.11 5.97
C ASP B 269 -34.39 3.03 7.00
N VAL B 270 -35.62 3.28 6.55
CA VAL B 270 -36.83 3.23 7.41
C VAL B 270 -37.87 2.36 6.72
N SER B 271 -37.98 1.11 7.15
CA SER B 271 -39.04 0.19 6.67
C SER B 271 -40.41 0.83 6.92
N VAL B 272 -41.35 0.66 5.98
CA VAL B 272 -42.76 1.09 6.18
C VAL B 272 -43.46 0.07 7.10
N TYR B 273 -42.85 -1.08 7.39
CA TYR B 273 -43.43 -2.11 8.31
C TYR B 273 -43.00 -1.83 9.75
N LYS B 274 -43.66 -2.47 10.71
CA LYS B 274 -43.45 -2.26 12.17
C LYS B 274 -42.76 -3.49 12.78
N SER B 275 -42.36 -4.44 11.94
CA SER B 275 -41.48 -5.57 12.32
C SER B 275 -40.76 -6.10 11.08
N ARG B 276 -39.92 -7.11 11.27
CA ARG B 276 -39.18 -7.80 10.18
C ARG B 276 -39.99 -8.96 9.61
N SER B 277 -41.14 -9.32 10.19
CA SER B 277 -42.04 -10.31 9.57
C SER B 277 -43.48 -9.84 9.70
N PRO B 278 -43.85 -8.79 8.95
CA PRO B 278 -45.23 -8.30 8.95
C PRO B 278 -46.16 -9.40 8.42
N SER B 279 -47.38 -9.51 8.95
CA SER B 279 -48.40 -10.47 8.44
C SER B 279 -49.15 -9.84 7.26
N ILE B 280 -49.24 -8.51 7.21
CA ILE B 280 -49.77 -7.75 6.05
C ILE B 280 -48.58 -7.15 5.28
N ILE B 281 -48.37 -7.56 4.03
CA ILE B 281 -47.41 -6.88 3.09
C ILE B 281 -48.18 -6.08 2.04
N TYR B 282 -47.64 -4.93 1.65
CA TYR B 282 -48.27 -4.01 0.69
C TYR B 282 -47.78 -4.32 -0.73
N GLN B 283 -48.69 -4.23 -1.69
CA GLN B 283 -48.34 -4.23 -3.13
C GLN B 283 -47.77 -2.84 -3.46
N THR B 284 -48.49 -1.79 -3.08
CA THR B 284 -48.08 -0.37 -3.20
C THR B 284 -48.23 0.26 -1.82
N PRO B 285 -47.47 1.31 -1.48
CA PRO B 285 -47.53 1.87 -0.13
C PRO B 285 -48.76 2.75 0.02
N PRO B 286 -49.60 2.56 1.06
CA PRO B 286 -50.66 3.53 1.36
C PRO B 286 -50.11 4.94 1.54
N SER B 287 -50.86 5.92 1.05
CA SER B 287 -50.46 7.36 1.10
C SER B 287 -50.13 7.76 2.55
N GLU B 288 -50.95 7.35 3.52
CA GLU B 288 -50.75 7.70 4.95
C GLU B 288 -49.46 7.08 5.48
N VAL B 289 -49.05 5.93 4.96
CA VAL B 289 -47.81 5.24 5.38
C VAL B 289 -46.60 6.07 4.90
N LEU B 290 -46.62 6.61 3.69
CA LEU B 290 -45.52 7.47 3.20
C LEU B 290 -45.46 8.78 4.01
N HIS B 291 -46.59 9.30 4.48
CA HIS B 291 -46.58 10.54 5.29
C HIS B 291 -46.08 10.24 6.70
N GLU B 292 -46.49 9.11 7.26
CA GLU B 292 -45.92 8.64 8.56
C GLU B 292 -44.40 8.53 8.43
N GLN B 293 -43.91 7.98 7.32
CA GLN B 293 -42.46 7.83 7.06
C GLN B 293 -41.82 9.22 6.95
N ALA B 294 -42.51 10.17 6.31
CA ALA B 294 -42.00 11.55 6.11
C ALA B 294 -41.81 12.23 7.48
N GLU B 295 -42.74 11.99 8.41
CA GLU B 295 -42.70 12.55 9.78
C GLU B 295 -41.56 11.90 10.57
N PHE B 296 -41.41 10.58 10.43
CA PHE B 296 -40.34 9.78 11.07
C PHE B 296 -38.99 10.32 10.62
N TYR B 297 -38.78 10.49 9.31
CA TYR B 297 -37.50 11.00 8.76
C TYR B 297 -37.25 12.46 9.20
N ARG B 298 -38.29 13.30 9.22
CA ARG B 298 -38.17 14.70 9.71
C ARG B 298 -37.58 14.70 11.13
N LYS B 299 -38.22 14.03 12.08
CA LYS B 299 -37.78 13.92 13.51
C LYS B 299 -36.34 13.40 13.59
N LEU B 300 -36.00 12.44 12.73
CA LEU B 300 -34.69 11.76 12.71
C LEU B 300 -33.61 12.77 12.34
N PHE B 301 -33.82 13.52 11.26
CA PHE B 301 -32.86 14.54 10.78
C PHE B 301 -32.83 15.75 11.71
N GLU B 302 -33.90 16.03 12.46
CA GLU B 302 -33.83 17.06 13.54
C GLU B 302 -32.83 16.58 14.60
N ILE B 303 -32.90 15.32 15.01
CA ILE B 303 -31.95 14.72 16.01
C ILE B 303 -30.54 14.68 15.42
N TYR B 304 -30.35 14.33 14.15
CA TYR B 304 -28.99 14.30 13.57
C TYR B 304 -28.39 15.71 13.59
N ARG B 305 -29.14 16.73 13.18
CA ARG B 305 -28.68 18.13 13.08
C ARG B 305 -28.36 18.67 14.48
N LYS B 306 -29.20 18.33 15.45
CA LYS B 306 -28.96 18.65 16.87
C LYS B 306 -27.58 18.12 17.30
N HIS B 307 -27.14 17.00 16.73
CA HIS B 307 -25.87 16.34 17.11
C HIS B 307 -24.85 16.50 15.99
N THR B 308 -24.96 17.57 15.20
CA THR B 308 -24.04 17.83 14.08
C THR B 308 -22.59 17.98 14.59
N ASP B 309 -22.41 18.35 15.87
CA ASP B 309 -21.06 18.52 16.49
C ASP B 309 -20.32 17.17 16.44
N VAL B 310 -21.03 16.04 16.53
CA VAL B 310 -20.38 14.70 16.54
C VAL B 310 -20.65 13.90 15.25
N ILE B 311 -21.74 14.18 14.53
CA ILE B 311 -22.14 13.37 13.33
C ILE B 311 -21.52 14.05 12.11
N THR B 312 -20.67 13.33 11.38
CA THR B 312 -19.90 13.87 10.21
C THR B 312 -20.29 13.17 8.88
N ASN B 313 -21.11 12.13 8.91
CA ASN B 313 -21.52 11.40 7.68
C ASN B 313 -22.85 10.73 7.94
N VAL B 314 -23.83 10.92 7.04
CA VAL B 314 -25.11 10.18 7.03
C VAL B 314 -25.22 9.48 5.69
N THR B 315 -25.15 8.15 5.72
CA THR B 315 -25.18 7.28 4.53
C THR B 315 -26.49 6.49 4.58
N PHE B 316 -27.18 6.45 3.44
CA PHE B 316 -28.42 5.68 3.20
C PHE B 316 -28.04 4.31 2.63
N TRP B 317 -28.69 3.26 3.10
CA TRP B 317 -28.39 1.88 2.64
C TRP B 317 -29.22 1.57 1.38
N GLY B 318 -28.89 2.27 0.30
CA GLY B 318 -29.52 2.04 -1.01
C GLY B 318 -29.81 3.36 -1.70
N LEU B 319 -29.79 3.35 -3.02
CA LEU B 319 -30.03 4.55 -3.85
C LEU B 319 -31.53 4.88 -3.93
N LYS B 320 -32.37 3.88 -4.07
CA LYS B 320 -33.82 4.07 -4.34
C LYS B 320 -34.56 2.79 -3.95
N ASP B 321 -35.86 2.94 -3.68
CA ASP B 321 -36.72 1.94 -2.99
C ASP B 321 -36.53 0.54 -3.56
N ASP B 322 -36.48 0.37 -4.88
CA ASP B 322 -36.48 -0.99 -5.46
C ASP B 322 -35.08 -1.62 -5.38
N TYR B 323 -34.03 -0.87 -5.06
CA TYR B 323 -32.67 -1.42 -4.84
C TYR B 323 -32.50 -1.87 -3.37
N SER B 324 -33.51 -1.67 -2.51
CA SER B 324 -33.36 -1.90 -1.06
C SER B 324 -33.25 -3.41 -0.75
N TRP B 325 -32.24 -3.76 0.04
CA TRP B 325 -32.08 -5.11 0.64
C TRP B 325 -33.36 -5.54 1.39
N LEU B 326 -34.19 -4.58 1.81
CA LEU B 326 -35.40 -4.87 2.62
C LEU B 326 -36.48 -5.53 1.76
N ARG B 327 -36.28 -5.58 0.44
CA ARG B 327 -37.22 -6.31 -0.43
C ARG B 327 -36.87 -7.80 -0.48
N PHE B 328 -35.82 -8.28 0.18
CA PHE B 328 -35.54 -9.74 0.17
C PHE B 328 -34.95 -10.26 1.49
N PHE B 329 -34.13 -9.51 2.22
CA PHE B 329 -33.27 -10.08 3.28
C PHE B 329 -34.14 -10.76 4.37
N PHE B 330 -35.29 -10.19 4.69
CA PHE B 330 -36.22 -10.71 5.74
C PHE B 330 -37.41 -11.42 5.10
N GLY B 331 -37.31 -11.84 3.84
CA GLY B 331 -38.45 -12.35 3.07
C GLY B 331 -38.78 -11.41 1.92
N ARG B 332 -39.23 -11.98 0.82
CA ARG B 332 -39.54 -11.26 -0.44
C ARG B 332 -40.82 -10.45 -0.24
N ARG B 333 -40.74 -9.14 -0.34
CA ARG B 333 -41.89 -8.22 -0.25
C ARG B 333 -41.47 -6.86 -0.76
N ASN B 334 -42.44 -6.04 -1.15
CA ASN B 334 -42.14 -4.63 -1.52
C ASN B 334 -41.93 -3.86 -0.22
N ASP B 335 -41.05 -2.87 -0.23
CA ASP B 335 -40.81 -1.92 0.88
C ASP B 335 -40.32 -0.64 0.20
N TRP B 336 -40.44 0.48 0.87
CA TRP B 336 -40.14 1.81 0.31
C TRP B 336 -39.36 2.58 1.37
N PRO B 337 -38.10 2.16 1.68
CA PRO B 337 -37.42 2.61 2.89
C PRO B 337 -36.59 3.88 2.74
N LEU B 338 -36.47 4.42 1.53
CA LEU B 338 -35.49 5.49 1.18
C LEU B 338 -36.20 6.80 0.75
N LEU B 339 -35.45 7.79 0.30
CA LEU B 339 -35.99 9.15 -0.02
C LEU B 339 -36.37 9.24 -1.50
N PHE B 340 -35.98 8.26 -2.32
CA PHE B 340 -36.24 8.23 -3.78
C PHE B 340 -36.98 6.94 -4.13
N ASP B 341 -37.98 7.04 -5.00
CA ASP B 341 -38.85 5.90 -5.38
C ASP B 341 -38.23 5.18 -6.57
N GLU B 342 -38.93 4.16 -7.07
CA GLU B 342 -38.49 3.25 -8.15
C GLU B 342 -38.21 4.05 -9.42
N ASN B 343 -38.78 5.25 -9.57
CA ASN B 343 -38.61 6.09 -10.78
C ASN B 343 -37.65 7.24 -10.51
N TYR B 344 -36.83 7.15 -9.47
CA TYR B 344 -35.81 8.17 -9.10
C TYR B 344 -36.47 9.46 -8.61
N GLN B 345 -37.77 9.44 -8.29
CA GLN B 345 -38.53 10.66 -7.88
C GLN B 345 -38.43 10.83 -6.37
N PRO B 346 -38.30 12.08 -5.88
CA PRO B 346 -38.34 12.34 -4.45
C PRO B 346 -39.68 11.92 -3.82
N LYS B 347 -39.62 11.34 -2.63
CA LYS B 347 -40.81 10.91 -1.87
C LYS B 347 -41.20 12.03 -0.91
N PRO B 348 -42.36 11.94 -0.23
CA PRO B 348 -42.66 12.86 0.87
C PRO B 348 -41.52 12.99 1.90
N ALA B 349 -40.83 11.89 2.24
CA ALA B 349 -39.69 11.91 3.20
C ALA B 349 -38.57 12.81 2.69
N PHE B 350 -38.32 12.85 1.39
CA PHE B 350 -37.29 13.73 0.79
C PHE B 350 -37.56 15.17 1.21
N TRP B 351 -38.79 15.65 1.03
CA TRP B 351 -39.16 17.06 1.30
C TRP B 351 -39.09 17.36 2.79
N SER B 352 -39.58 16.46 3.65
CA SER B 352 -39.55 16.62 5.12
C SER B 352 -38.10 16.60 5.64
N VAL B 353 -37.19 15.86 4.99
CA VAL B 353 -35.74 15.86 5.36
C VAL B 353 -35.10 17.22 4.97
N ILE B 354 -35.28 17.67 3.72
CA ILE B 354 -34.89 19.02 3.21
C ILE B 354 -35.36 20.11 4.18
N GLU B 355 -36.59 20.01 4.70
CA GLU B 355 -37.20 21.09 5.53
C GLU B 355 -36.64 21.10 6.94
N SER B 356 -36.04 20.00 7.43
CA SER B 356 -35.30 19.96 8.72
C SER B 356 -34.19 21.05 8.69
N VAL B 357 -33.83 21.54 7.50
CA VAL B 357 -33.14 22.85 7.24
C VAL B 357 -34.10 23.74 6.44
C1 GOL C . 7.31 -5.97 -22.53
O1 GOL C . 7.06 -4.86 -23.39
C2 GOL C . 7.77 -5.48 -21.17
O2 GOL C . 6.83 -4.52 -20.67
C3 GOL C . 9.15 -4.86 -21.22
O3 GOL C . 10.16 -5.80 -20.94
C1 GOL D . 34.71 -11.75 -9.82
O1 GOL D . 34.29 -13.10 -9.62
C2 GOL D . 35.38 -11.47 -11.16
O2 GOL D . 35.38 -12.63 -12.00
C3 GOL D . 34.75 -10.33 -11.93
O3 GOL D . 35.32 -10.19 -13.23
C1 GOL E . 14.11 0.13 1.49
O1 GOL E . 13.47 0.54 2.70
C2 GOL E . 13.65 0.91 0.26
O2 GOL E . 13.48 2.30 0.50
C3 GOL E . 14.62 0.70 -0.88
O3 GOL E . 15.02 -0.66 -0.92
C1 IPT F . 14.21 2.40 -7.27
C2 IPT F . 13.93 3.87 -6.87
O2 IPT F . 13.71 3.97 -5.44
C3 IPT F . 12.73 4.55 -7.55
O3 IPT F . 13.20 5.79 -8.16
C4 IPT F . 11.90 3.67 -8.53
O4 IPT F . 11.61 4.46 -9.69
C5 IPT F . 12.47 2.26 -8.89
O5 IPT F . 13.91 2.20 -8.68
C6 IPT F . 12.05 1.71 -10.29
O6 IPT F . 11.08 0.65 -10.25
S1 IPT F . 15.87 1.97 -6.77
C1' IPT F . 15.47 1.17 -5.22
C2' IPT F . 16.66 0.41 -4.72
C3' IPT F . 14.99 2.12 -4.10
C1 GOL G . -26.33 -5.95 1.93
O1 GOL G . -27.44 -5.18 1.45
C2 GOL G . -26.47 -7.45 1.71
O2 GOL G . -26.77 -8.11 2.94
C3 GOL G . -27.52 -7.84 0.68
O3 GOL G . -27.26 -7.25 -0.58
C1 GOL H . -6.45 -16.02 -11.33
O1 GOL H . -5.30 -15.32 -11.79
C2 GOL H . -6.11 -16.91 -10.15
O2 GOL H . -5.73 -18.20 -10.61
C3 GOL H . -5.01 -16.34 -9.27
O3 GOL H . -4.12 -17.35 -8.79
C1 IPT I . -27.14 -6.17 8.63
C2 IPT I . -26.49 -7.55 8.78
O2 IPT I . -26.43 -8.19 7.50
C3 IPT I . -27.22 -8.57 9.68
O3 IPT I . -26.18 -9.20 10.49
C4 IPT I . -28.42 -8.02 10.49
O4 IPT I . -28.13 -8.21 11.87
C5 IPT I . -28.86 -6.55 10.22
O5 IPT I . -27.70 -5.75 9.89
C6 IPT I . -29.68 -5.91 11.37
O6 IPT I . -30.95 -5.31 11.01
S1 IPT I . -25.97 -5.01 7.86
C1' IPT I . -26.55 -5.21 6.18
C2' IPT I . -26.32 -3.96 5.37
C3' IPT I . -25.94 -6.41 5.45
C1 GOL J . -11.65 -4.39 24.38
O1 GOL J . -10.70 -3.66 25.13
C2 GOL J . -11.09 -5.69 23.81
O2 GOL J . -11.67 -6.82 24.48
C3 GOL J . -11.37 -5.84 22.33
O3 GOL J . -10.36 -6.54 21.62
#